data_2WMB
#
_entry.id   2WMB
#
_cell.length_a   73.747
_cell.length_b   134.223
_cell.length_c   148.236
_cell.angle_alpha   90.00
_cell.angle_beta   90.00
_cell.angle_gamma   90.00
#
_symmetry.space_group_name_H-M   'P 21 21 21'
#
loop_
_entity.id
_entity.type
_entity.pdbx_description
1 polymer 'CELL DIVISION PROTEIN KINASE 2'
2 polymer CYCLIN-A2
3 polymer 'LINEAR RKLFD'
4 non-polymer 'MAGNESIUM ION'
5 water water
#
loop_
_entity_poly.entity_id
_entity_poly.type
_entity_poly.pdbx_seq_one_letter_code
_entity_poly.pdbx_strand_id
1 'polypeptide(L)'
;GPLGSMENFQKVEKIGEGTYGVVYKARNKLTGEVVALKKIRLDTETEGVPSTAIREISLLKELNHPNIVKLLDVIHTENK
LYLVFEFLHQDLKKFMDASALTGIPLPLIKSYLFQLLQGLAFCHSHRVLHRDLKPQNLLINTEGAIKLADFGLARAFGVP
VRTY(TPO)HEVVTLWYRAPEILLGCKYYSTAVDIWSLGCIFAEMVTRRALFPGDSEIDQLFRIFRTLGTPDEVVWPGVT
SMPDYKPSFPKWARQDFSKVVPPLDEDGRSLLSQMLHYDPNKRISAKAALAHPFFQDVTKPVPHLRL
;
A,C
2 'polypeptide(L)'
;EVPDYHEDIHTYLREMEVKCKPKVGYMKKQPDITNSMRAILVDWLVEVGEEYKLQNETLHLAVNYIDRFLSSMSVLRGKL
QLVGTAAMLLASKFEEIYPPEVAEFVYITDDTYTKKQVLRMEHLVLKVLTFDLAAPTVNQFLTQYFLHQQPANCKVESLA
MFLGELSLIDADPYLKYLPSVIAGAAFHLALYTVTGQSWPESLIRKTGYTLESLKPCLMDLHQTYLKAPQHAQQSIREKY
KNSKYHGVSLLNPPETLNL
;
B,D
3 'polypeptide(L)' RKLFD I
#
# COMPACT_ATOMS: atom_id res chain seq x y z
N SER A 5 3.30 56.98 -14.34
CA SER A 5 2.75 55.63 -13.94
C SER A 5 3.56 55.03 -12.77
N MET A 6 4.89 54.99 -12.91
CA MET A 6 5.80 54.90 -11.76
C MET A 6 5.78 56.18 -10.95
N GLU A 7 4.95 57.11 -11.39
CA GLU A 7 4.68 58.37 -10.73
C GLU A 7 4.49 58.24 -9.22
N ASN A 8 3.86 57.18 -8.76
CA ASN A 8 3.50 57.10 -7.34
C ASN A 8 4.37 56.24 -6.46
N PHE A 9 5.41 55.64 -6.99
CA PHE A 9 6.23 54.80 -6.16
C PHE A 9 7.56 55.48 -5.90
N GLN A 10 8.01 55.42 -4.66
CA GLN A 10 9.37 55.81 -4.30
C GLN A 10 10.13 54.54 -3.98
N LYS A 11 11.20 54.24 -4.71
CA LYS A 11 12.04 53.11 -4.39
C LYS A 11 12.70 53.32 -3.01
N VAL A 12 13.09 52.22 -2.38
CA VAL A 12 13.60 52.25 -1.03
C VAL A 12 14.95 51.53 -1.00
N GLU A 13 14.94 50.24 -1.30
CA GLU A 13 16.18 49.49 -1.46
C GLU A 13 15.92 48.38 -2.49
N LYS A 14 16.99 47.78 -3.01
CA LYS A 14 16.82 46.54 -3.73
C LYS A 14 16.67 45.51 -2.63
N ILE A 15 15.89 44.45 -2.88
CA ILE A 15 15.66 43.45 -1.84
C ILE A 15 15.89 42.03 -2.37
N GLY A 16 16.31 41.95 -3.64
CA GLY A 16 16.61 40.67 -4.30
C GLY A 16 16.81 40.70 -5.81
N GLU A 17 17.23 39.56 -6.35
CA GLU A 17 17.48 39.40 -7.78
C GLU A 17 17.02 38.04 -8.26
N GLY A 18 16.27 38.02 -9.38
CA GLY A 18 15.72 36.80 -9.97
C GLY A 18 16.12 36.68 -11.45
N THR A 19 15.17 36.29 -12.29
CA THR A 19 15.51 36.02 -13.68
C THR A 19 15.30 37.20 -14.61
N TYR A 20 14.32 38.06 -14.29
CA TYR A 20 14.22 39.40 -14.89
C TYR A 20 15.14 40.29 -14.09
N GLY A 21 15.52 39.77 -12.92
CA GLY A 21 16.62 40.34 -12.20
C GLY A 21 16.14 41.15 -11.04
N VAL A 22 16.22 42.46 -11.19
CA VAL A 22 16.11 43.39 -10.07
C VAL A 22 14.72 43.46 -9.42
N VAL A 23 14.70 43.29 -8.08
CA VAL A 23 13.49 43.43 -7.24
C VAL A 23 13.65 44.53 -6.17
N TYR A 24 12.80 45.55 -6.20
CA TYR A 24 12.86 46.65 -5.21
C TYR A 24 11.69 46.71 -4.23
N LYS A 25 12.01 46.96 -2.97
CA LYS A 25 10.99 47.40 -2.02
C LYS A 25 10.67 48.85 -2.37
N ALA A 26 9.39 49.17 -2.53
CA ALA A 26 8.96 50.51 -2.92
C ALA A 26 7.68 50.87 -2.19
N ARG A 27 7.32 52.13 -2.22
CA ARG A 27 6.22 52.59 -1.43
C ARG A 27 5.30 53.41 -2.31
N ASN A 28 4.02 53.11 -2.26
CA ASN A 28 3.00 53.91 -2.92
C ASN A 28 2.88 55.23 -2.18
N LYS A 29 3.22 56.34 -2.81
CA LYS A 29 3.36 57.61 -2.07
C LYS A 29 2.04 58.10 -1.53
N LEU A 30 0.97 57.76 -2.22
CA LEU A 30 -0.37 58.26 -1.94
C LEU A 30 -1.19 57.37 -1.02
N THR A 31 -0.98 56.04 -1.07
CA THR A 31 -1.73 55.13 -0.21
C THR A 31 -0.91 54.65 0.99
N GLY A 32 0.41 54.62 0.84
CA GLY A 32 1.27 54.21 1.92
C GLY A 32 1.72 52.79 1.71
N GLU A 33 1.05 52.07 0.83
CA GLU A 33 1.29 50.63 0.70
C GLU A 33 2.73 50.33 0.27
N VAL A 34 3.32 49.32 0.88
CA VAL A 34 4.67 48.90 0.58
C VAL A 34 4.62 47.76 -0.45
N VAL A 35 5.28 47.94 -1.58
CA VAL A 35 5.17 46.99 -2.68
C VAL A 35 6.53 46.39 -3.01
N ALA A 36 6.54 45.26 -3.69
CA ALA A 36 7.75 44.78 -4.36
C ALA A 36 7.59 44.94 -5.88
N LEU A 37 8.64 45.44 -6.54
CA LEU A 37 8.58 45.67 -7.99
C LEU A 37 9.55 44.77 -8.69
N LYS A 38 9.06 43.87 -9.56
CA LYS A 38 9.94 43.18 -10.51
C LYS A 38 9.98 44.02 -11.77
N LYS A 39 11.20 44.30 -12.22
CA LYS A 39 11.47 45.13 -13.38
C LYS A 39 11.97 44.22 -14.50
N ILE A 40 11.17 44.13 -15.57
CA ILE A 40 11.47 43.34 -16.77
C ILE A 40 11.86 44.28 -17.91
N ARG A 41 13.05 44.08 -18.46
CA ARG A 41 13.52 44.87 -19.60
C ARG A 41 13.13 44.19 -20.92
N LEU A 42 12.87 45.01 -21.94
CA LEU A 42 12.36 44.53 -23.22
C LEU A 42 13.26 44.86 -24.44
N ASP A 43 13.47 46.18 -24.64
CA ASP A 43 14.16 46.78 -25.81
C ASP A 43 13.83 46.08 -27.13
N THR A 44 12.56 46.20 -27.53
CA THR A 44 11.99 45.53 -28.72
C THR A 44 12.85 44.32 -29.17
N GLU A 45 13.84 44.64 -30.03
CA GLU A 45 14.82 43.71 -30.65
C GLU A 45 15.37 42.55 -29.79
N THR A 46 14.48 41.74 -29.23
CA THR A 46 14.83 40.48 -28.58
C THR A 46 13.71 39.53 -29.04
N GLU A 47 13.10 38.83 -28.09
CA GLU A 47 12.04 37.95 -28.45
C GLU A 47 10.77 38.39 -27.76
N GLY A 48 10.69 39.69 -27.58
CA GLY A 48 9.55 40.35 -26.98
C GLY A 48 9.48 40.15 -25.49
N VAL A 49 8.27 39.89 -24.99
CA VAL A 49 8.07 39.64 -23.57
C VAL A 49 8.36 38.17 -23.27
N PRO A 50 9.27 37.90 -22.31
CA PRO A 50 9.74 36.55 -22.02
C PRO A 50 8.60 35.66 -21.61
N SER A 51 8.62 34.43 -22.09
CA SER A 51 7.59 33.47 -21.72
C SER A 51 7.38 33.34 -20.19
N THR A 52 8.46 33.46 -19.41
CA THR A 52 8.34 33.38 -17.98
C THR A 52 7.43 34.49 -17.45
N ALA A 53 7.57 35.70 -17.97
CA ALA A 53 6.69 36.79 -17.52
C ALA A 53 5.25 36.65 -18.00
N ILE A 54 5.05 36.16 -19.21
CA ILE A 54 3.72 35.89 -19.71
C ILE A 54 2.97 34.96 -18.72
N ARG A 55 3.64 33.87 -18.34
CA ARG A 55 3.07 32.86 -17.49
C ARG A 55 2.90 33.37 -16.10
N GLU A 56 3.93 34.02 -15.58
CA GLU A 56 3.84 34.54 -14.23
C GLU A 56 2.64 35.47 -14.09
N ILE A 57 2.44 36.33 -15.09
CA ILE A 57 1.46 37.34 -14.94
C ILE A 57 0.13 36.70 -15.12
N SER A 58 -0.05 35.92 -16.20
CA SER A 58 -1.40 35.35 -16.50
C SER A 58 -1.90 34.38 -15.46
N LEU A 59 -1.00 33.59 -14.88
CA LEU A 59 -1.36 32.64 -13.84
C LEU A 59 -1.64 33.31 -12.48
N LEU A 60 -0.81 34.26 -12.06
CA LEU A 60 -1.09 34.99 -10.81
C LEU A 60 -2.37 35.82 -10.79
N LYS A 61 -2.81 36.31 -11.95
CA LYS A 61 -4.11 37.02 -12.04
C LYS A 61 -5.29 36.15 -11.61
N GLU A 62 -5.21 34.84 -11.83
CA GLU A 62 -6.25 33.90 -11.43
C GLU A 62 -6.14 33.45 -9.95
N LEU A 63 -4.91 33.46 -9.42
CA LEU A 63 -4.58 32.88 -8.13
C LEU A 63 -4.70 33.84 -6.95
N ASN A 64 -5.93 34.14 -6.57
CA ASN A 64 -6.12 35.05 -5.48
C ASN A 64 -6.36 34.33 -4.18
N HIS A 65 -5.35 34.33 -3.30
CA HIS A 65 -5.35 33.51 -2.10
C HIS A 65 -4.37 34.08 -1.04
N PRO A 66 -4.76 34.06 0.24
CA PRO A 66 -3.87 34.61 1.32
C PRO A 66 -2.51 33.96 1.40
N ASN A 67 -2.36 32.76 0.85
CA ASN A 67 -1.10 32.06 0.92
C ASN A 67 -0.38 32.05 -0.41
N ILE A 68 -0.85 32.89 -1.34
CA ILE A 68 -0.11 33.13 -2.58
C ILE A 68 0.17 34.63 -2.63
N VAL A 69 1.43 35.04 -2.91
CA VAL A 69 1.77 36.47 -3.20
C VAL A 69 0.82 37.14 -4.20
N LYS A 70 0.36 38.33 -3.88
CA LYS A 70 -0.64 38.97 -4.70
C LYS A 70 0.05 39.89 -5.70
N LEU A 71 -0.21 39.66 -6.98
CA LEU A 71 0.20 40.58 -8.01
C LEU A 71 -0.78 41.69 -7.92
N LEU A 72 -0.30 42.87 -7.55
CA LEU A 72 -1.18 44.01 -7.40
C LEU A 72 -1.47 44.71 -8.73
N ASP A 73 -0.54 44.66 -9.68
CA ASP A 73 -0.67 45.49 -10.89
C ASP A 73 0.45 45.26 -11.88
N VAL A 74 0.17 45.52 -13.15
CA VAL A 74 1.19 45.43 -14.20
C VAL A 74 1.24 46.78 -14.86
N ILE A 75 2.43 47.36 -14.83
CA ILE A 75 2.63 48.68 -15.43
C ILE A 75 3.57 48.62 -16.63
N HIS A 76 3.09 49.23 -17.71
CA HIS A 76 3.75 49.31 -19.03
C HIS A 76 4.48 50.62 -19.34
N THR A 77 5.44 50.49 -20.24
CA THR A 77 5.89 51.58 -21.10
C THR A 77 6.19 50.75 -22.36
N GLU A 78 6.74 51.36 -23.41
CA GLU A 78 7.21 50.52 -24.52
C GLU A 78 8.64 50.01 -24.26
N ASN A 79 9.27 50.50 -23.19
CA ASN A 79 10.62 50.05 -22.86
C ASN A 79 10.81 49.21 -21.57
N LYS A 80 9.80 49.23 -20.69
CA LYS A 80 9.89 48.59 -19.38
C LYS A 80 8.57 47.92 -18.97
N LEU A 81 8.67 46.72 -18.39
CA LEU A 81 7.51 46.06 -17.79
C LEU A 81 7.72 45.99 -16.29
N TYR A 82 6.83 46.59 -15.51
CA TYR A 82 6.90 46.50 -14.04
C TYR A 82 5.80 45.64 -13.43
N LEU A 83 6.20 44.74 -12.53
CA LEU A 83 5.26 43.92 -11.80
C LEU A 83 5.24 44.39 -10.35
N VAL A 84 4.11 45.00 -9.97
CA VAL A 84 3.84 45.49 -8.61
C VAL A 84 3.25 44.35 -7.79
N PHE A 85 4.05 43.81 -6.87
CA PHE A 85 3.64 42.70 -5.97
C PHE A 85 3.39 43.22 -4.53
N GLU A 86 2.52 42.52 -3.80
CA GLU A 86 2.33 42.81 -2.39
C GLU A 86 3.70 42.57 -1.79
N PHE A 87 4.04 43.33 -0.76
CA PHE A 87 5.36 43.15 -0.24
C PHE A 87 5.40 42.41 1.08
N LEU A 88 6.48 41.68 1.25
CA LEU A 88 6.58 40.71 2.29
C LEU A 88 7.89 40.74 2.98
N HIS A 89 7.84 40.69 4.30
CA HIS A 89 9.01 40.85 5.18
C HIS A 89 10.28 40.09 4.87
N GLN A 90 10.22 38.77 4.76
CA GLN A 90 11.42 37.96 4.60
C GLN A 90 11.12 36.69 3.81
N ASP A 91 12.13 36.06 3.27
CA ASP A 91 11.99 34.74 2.70
C ASP A 91 12.39 33.72 3.73
N LEU A 92 11.88 32.49 3.58
CA LEU A 92 11.97 31.44 4.59
C LEU A 92 13.40 31.07 4.83
N LYS A 93 14.19 31.18 3.79
CA LYS A 93 15.58 30.79 3.83
C LYS A 93 16.38 31.76 4.74
N LYS A 94 16.27 33.07 4.52
CA LYS A 94 16.83 34.05 5.47
C LYS A 94 16.33 33.81 6.91
N PHE A 95 15.10 33.31 7.08
CA PHE A 95 14.65 33.01 8.44
C PHE A 95 15.32 31.76 9.03
N MET A 96 15.48 30.68 8.28
CA MET A 96 16.06 29.47 8.87
C MET A 96 17.47 29.73 9.38
N ASP A 97 18.20 30.54 8.62
CA ASP A 97 19.51 31.04 9.01
C ASP A 97 19.50 31.73 10.39
N ALA A 98 18.64 32.73 10.59
CA ALA A 98 18.53 33.40 11.88
C ALA A 98 18.07 32.52 13.08
N SER A 99 17.39 31.41 12.79
CA SER A 99 16.95 30.51 13.84
C SER A 99 18.04 29.53 14.24
N ALA A 100 19.22 29.69 13.65
CA ALA A 100 20.42 28.88 13.94
C ALA A 100 20.52 28.41 15.40
N LEU A 101 20.35 29.35 16.33
CA LEU A 101 20.66 29.07 17.73
C LEU A 101 19.41 28.85 18.57
N THR A 102 18.23 29.07 18.00
CA THR A 102 17.03 28.84 18.79
C THR A 102 16.24 27.63 18.27
N GLY A 103 16.54 27.20 17.04
CA GLY A 103 15.63 26.31 16.29
C GLY A 103 14.37 27.09 15.88
N ILE A 104 13.50 26.46 15.07
CA ILE A 104 12.16 27.00 14.77
C ILE A 104 11.14 26.18 15.55
N PRO A 105 10.29 26.82 16.35
CA PRO A 105 9.24 26.13 17.13
C PRO A 105 8.21 25.36 16.32
N LEU A 106 8.03 24.10 16.71
CA LEU A 106 7.14 23.16 16.03
C LEU A 106 5.76 23.71 15.64
N PRO A 107 5.12 24.50 16.53
CA PRO A 107 3.88 25.08 16.00
C PRO A 107 4.13 26.19 14.97
N LEU A 108 5.32 26.77 14.91
CA LEU A 108 5.58 27.65 13.78
C LEU A 108 5.67 26.83 12.48
N ILE A 109 6.44 25.76 12.53
CA ILE A 109 6.55 24.82 11.43
C ILE A 109 5.20 24.24 10.98
N LYS A 110 4.42 23.77 11.94
CA LYS A 110 3.16 23.13 11.67
C LYS A 110 2.25 24.11 10.92
N SER A 111 2.15 25.31 11.47
CA SER A 111 1.43 26.45 10.88
C SER A 111 1.93 26.70 9.48
N TYR A 112 3.25 26.81 9.33
CA TYR A 112 3.80 27.10 8.02
C TYR A 112 3.44 26.02 7.01
N LEU A 113 3.73 24.77 7.34
CA LEU A 113 3.38 23.67 6.44
C LEU A 113 1.90 23.70 5.98
N PHE A 114 1.02 23.95 6.95
CA PHE A 114 -0.41 23.89 6.76
C PHE A 114 -0.85 24.96 5.77
N GLN A 115 -0.25 26.14 5.93
CA GLN A 115 -0.47 27.28 5.05
C GLN A 115 0.12 27.02 3.68
N LEU A 116 1.31 26.42 3.66
CA LEU A 116 1.93 26.07 2.41
C LEU A 116 1.03 25.11 1.65
N LEU A 117 0.45 24.15 2.36
CA LEU A 117 -0.39 23.15 1.73
C LEU A 117 -1.70 23.73 1.24
N GLN A 118 -2.23 24.71 1.95
CA GLN A 118 -3.42 25.40 1.49
C GLN A 118 -3.20 26.07 0.15
N GLY A 119 -2.16 26.90 0.08
CA GLY A 119 -1.85 27.68 -1.12
C GLY A 119 -1.47 26.79 -2.27
N LEU A 120 -0.76 25.73 -1.97
CA LEU A 120 -0.50 24.70 -2.96
C LEU A 120 -1.76 24.00 -3.46
N ALA A 121 -2.71 23.73 -2.58
CA ALA A 121 -3.94 23.10 -3.01
C ALA A 121 -4.73 24.08 -3.91
N PHE A 122 -4.75 25.34 -3.51
CA PHE A 122 -5.39 26.32 -4.39
C PHE A 122 -4.76 26.34 -5.82
N CYS A 123 -3.42 26.27 -5.91
CA CYS A 123 -2.77 26.26 -7.21
C CYS A 123 -3.22 25.01 -7.97
N HIS A 124 -3.08 23.87 -7.33
CA HIS A 124 -3.37 22.65 -8.04
C HIS A 124 -4.80 22.55 -8.47
N SER A 125 -5.71 23.14 -7.71
CA SER A 125 -7.10 23.09 -8.10
C SER A 125 -7.45 24.12 -9.15
N HIS A 126 -6.49 24.95 -9.54
CA HIS A 126 -6.66 25.82 -10.69
C HIS A 126 -5.69 25.49 -11.81
N ARG A 127 -5.39 24.20 -11.93
CA ARG A 127 -4.55 23.67 -12.97
C ARG A 127 -3.24 24.44 -13.18
N VAL A 128 -2.68 24.98 -12.08
CA VAL A 128 -1.33 25.59 -12.08
C VAL A 128 -0.34 24.76 -11.30
N LEU A 129 0.86 24.57 -11.88
CA LEU A 129 1.99 23.85 -11.27
C LEU A 129 3.11 24.87 -10.93
N HIS A 130 3.67 24.79 -9.72
CA HIS A 130 4.61 25.80 -9.37
C HIS A 130 5.99 25.53 -9.97
N ARG A 131 6.46 24.29 -9.77
CA ARG A 131 7.74 23.80 -10.33
C ARG A 131 9.06 24.42 -9.84
N ASP A 132 9.00 25.18 -8.75
CA ASP A 132 10.18 25.69 -8.06
C ASP A 132 9.88 26.05 -6.57
N LEU A 133 9.10 25.23 -5.90
CA LEU A 133 8.98 25.43 -4.47
C LEU A 133 10.33 25.19 -3.73
N LYS A 134 10.86 26.26 -3.16
CA LYS A 134 12.02 26.14 -2.30
C LYS A 134 11.95 27.25 -1.27
N PRO A 135 12.72 27.14 -0.16
CA PRO A 135 12.57 28.10 0.97
C PRO A 135 12.83 29.56 0.61
N GLN A 136 13.63 29.84 -0.42
CA GLN A 136 13.94 31.20 -0.84
C GLN A 136 12.70 31.86 -1.56
N ASN A 137 11.82 31.01 -2.12
CA ASN A 137 10.63 31.43 -2.86
C ASN A 137 9.41 31.44 -1.96
N LEU A 138 9.63 31.31 -0.65
CA LEU A 138 8.51 31.30 0.32
C LEU A 138 8.70 32.46 1.27
N LEU A 139 7.75 33.39 1.28
CA LEU A 139 7.91 34.62 2.01
C LEU A 139 7.05 34.62 3.26
N ILE A 140 7.56 35.21 4.35
CA ILE A 140 6.84 35.23 5.64
C ILE A 140 6.62 36.64 6.19
N ASN A 141 5.41 36.94 6.67
CA ASN A 141 5.16 38.27 7.24
C ASN A 141 5.20 38.24 8.79
N THR A 142 5.04 39.39 9.43
CA THR A 142 5.23 39.50 10.89
C THR A 142 3.98 39.01 11.61
N GLU A 143 2.89 38.85 10.87
CA GLU A 143 1.62 38.42 11.49
C GLU A 143 1.45 36.88 11.49
N GLY A 144 2.44 36.16 10.94
CA GLY A 144 2.47 34.68 10.94
C GLY A 144 2.12 33.97 9.63
N ALA A 145 1.84 34.73 8.58
CA ALA A 145 1.57 34.19 7.25
C ALA A 145 2.83 33.69 6.56
N ILE A 146 2.69 32.73 5.66
CA ILE A 146 3.73 32.34 4.73
C ILE A 146 3.05 32.19 3.34
N LYS A 147 3.73 32.58 2.27
CA LYS A 147 3.06 32.60 0.97
C LYS A 147 3.94 32.07 -0.11
N LEU A 148 3.38 31.24 -1.01
CA LEU A 148 4.09 30.87 -2.23
C LEU A 148 4.47 32.11 -3.04
N ALA A 149 5.67 32.16 -3.55
CA ALA A 149 6.03 33.25 -4.42
C ALA A 149 6.87 32.71 -5.55
N ASP A 150 7.29 33.61 -6.41
CA ASP A 150 7.97 33.32 -7.65
C ASP A 150 7.31 32.28 -8.56
N PHE A 151 6.35 32.75 -9.34
CA PHE A 151 5.69 31.92 -10.31
C PHE A 151 6.41 31.95 -11.66
N GLY A 152 7.65 32.43 -11.63
CA GLY A 152 8.47 32.47 -12.81
C GLY A 152 8.50 31.17 -13.60
N LEU A 153 8.55 30.03 -12.90
CA LEU A 153 8.74 28.72 -13.53
C LEU A 153 7.47 27.90 -13.66
N ALA A 154 6.35 28.54 -13.25
CA ALA A 154 5.04 27.91 -13.07
C ALA A 154 4.43 27.58 -14.41
N ARG A 155 3.43 26.71 -14.43
CA ARG A 155 2.73 26.52 -15.71
C ARG A 155 1.33 25.96 -15.64
N ALA A 156 0.46 26.35 -16.57
CA ALA A 156 -0.89 25.81 -16.63
C ALA A 156 -0.83 24.37 -17.10
N PHE A 157 -1.59 23.48 -16.49
CA PHE A 157 -1.46 22.12 -16.90
C PHE A 157 -2.80 21.62 -17.32
N GLY A 158 -2.83 20.41 -17.82
CA GLY A 158 -4.05 19.81 -18.33
C GLY A 158 -4.30 18.51 -17.60
N VAL A 159 -5.54 18.04 -17.71
CA VAL A 159 -5.99 16.78 -17.12
C VAL A 159 -6.31 15.83 -18.28
N PRO A 160 -5.59 14.69 -18.38
CA PRO A 160 -4.32 14.33 -17.75
C PRO A 160 -3.23 15.16 -18.38
N VAL A 161 -2.13 15.30 -17.69
CA VAL A 161 -0.98 16.08 -18.13
C VAL A 161 -0.41 15.56 -19.47
N ARG A 162 0.31 16.43 -20.19
CA ARG A 162 1.28 15.94 -21.21
C ARG A 162 2.72 16.26 -20.85
N THR A 163 3.64 16.10 -21.79
CA THR A 163 5.05 16.38 -21.53
C THR A 163 5.29 17.86 -21.42
N TYR A 164 6.00 18.26 -20.38
CA TYR A 164 6.32 19.67 -20.17
C TYR A 164 7.79 19.67 -19.96
N HIS A 166 11.53 19.46 -19.04
CA HIS A 166 12.22 18.55 -18.16
C HIS A 166 13.20 19.22 -17.23
N GLU A 167 13.72 20.36 -17.67
CA GLU A 167 14.82 20.99 -16.95
C GLU A 167 14.21 21.78 -15.76
N VAL A 168 13.77 21.04 -14.73
CA VAL A 168 12.75 21.61 -13.82
C VAL A 168 12.94 21.39 -12.30
N VAL A 169 12.81 22.48 -11.53
CA VAL A 169 12.86 22.49 -10.04
C VAL A 169 14.31 22.54 -9.57
N THR A 170 14.65 23.50 -8.71
CA THR A 170 15.98 23.54 -8.09
C THR A 170 16.34 22.15 -7.61
N LEU A 171 17.48 21.66 -8.08
CA LEU A 171 18.00 20.32 -7.78
C LEU A 171 17.65 19.75 -6.40
N TRP A 172 17.93 20.51 -5.34
CA TRP A 172 17.76 19.98 -4.02
C TRP A 172 16.33 19.50 -3.77
N TYR A 173 15.37 20.07 -4.49
CA TYR A 173 13.95 19.89 -4.21
C TYR A 173 13.24 19.07 -5.31
N ARG A 174 14.02 18.59 -6.28
CA ARG A 174 13.47 17.90 -7.45
C ARG A 174 13.01 16.48 -7.14
N ALA A 175 11.87 16.10 -7.69
CA ALA A 175 11.22 14.83 -7.39
C ALA A 175 11.91 13.67 -8.11
N PRO A 176 11.85 12.46 -7.53
CA PRO A 176 12.57 11.38 -8.25
C PRO A 176 12.03 11.08 -9.63
N GLU A 177 10.75 11.24 -9.84
CA GLU A 177 10.24 11.03 -11.22
C GLU A 177 10.88 11.95 -12.30
N ILE A 178 11.29 13.18 -11.91
CA ILE A 178 11.90 14.09 -12.85
C ILE A 178 13.30 13.62 -13.01
N LEU A 179 14.00 13.39 -11.90
CA LEU A 179 15.36 12.86 -12.07
C LEU A 179 15.40 11.56 -12.92
N LEU A 180 14.41 10.67 -12.80
CA LEU A 180 14.44 9.43 -13.59
C LEU A 180 13.87 9.61 -14.99
N GLY A 181 13.53 10.85 -15.33
CA GLY A 181 13.35 11.25 -16.70
C GLY A 181 11.98 10.97 -17.23
N CYS A 182 11.03 10.81 -16.32
CA CYS A 182 9.66 10.46 -16.69
C CYS A 182 9.11 11.52 -17.63
N LYS A 183 8.42 11.07 -18.69
CA LYS A 183 7.89 11.96 -19.72
C LYS A 183 6.69 12.74 -19.20
N TYR A 184 6.10 12.24 -18.13
CA TYR A 184 4.85 12.76 -17.56
C TYR A 184 5.05 13.04 -16.07
N TYR A 185 4.90 14.29 -15.66
CA TYR A 185 4.85 14.58 -14.22
C TYR A 185 3.71 15.56 -13.92
N SER A 186 3.23 15.52 -12.69
CA SER A 186 2.06 16.27 -12.34
C SER A 186 2.25 17.04 -11.07
N THR A 187 1.13 17.27 -10.40
CA THR A 187 1.06 17.91 -9.11
C THR A 187 2.00 17.30 -8.06
N ALA A 188 2.24 15.99 -8.17
CA ALA A 188 3.07 15.32 -7.15
C ALA A 188 4.46 15.96 -7.01
N VAL A 189 5.00 16.54 -8.09
CA VAL A 189 6.30 17.20 -7.94
C VAL A 189 6.33 18.34 -6.92
N ASP A 190 5.30 19.17 -6.85
CA ASP A 190 5.28 20.25 -5.90
C ASP A 190 5.18 19.69 -4.53
N ILE A 191 4.41 18.63 -4.36
CA ILE A 191 4.33 18.02 -3.04
C ILE A 191 5.70 17.55 -2.54
N TRP A 192 6.46 16.92 -3.44
CA TRP A 192 7.81 16.44 -3.14
C TRP A 192 8.63 17.61 -2.59
N SER A 193 8.44 18.80 -3.15
CA SER A 193 9.23 19.95 -2.73
C SER A 193 8.83 20.38 -1.34
N LEU A 194 7.53 20.41 -1.03
CA LEU A 194 7.17 20.78 0.36
C LEU A 194 7.60 19.72 1.36
N GLY A 195 7.57 18.43 0.98
CA GLY A 195 8.09 17.42 1.86
C GLY A 195 9.53 17.74 2.23
N CYS A 196 10.36 17.98 1.23
CA CYS A 196 11.74 18.38 1.46
C CYS A 196 11.82 19.57 2.37
N ILE A 197 10.99 20.57 2.10
CA ILE A 197 10.99 21.81 2.87
C ILE A 197 10.53 21.55 4.31
N PHE A 198 9.57 20.65 4.47
CA PHE A 198 9.15 20.21 5.80
C PHE A 198 10.34 19.72 6.61
N ALA A 199 11.05 18.79 6.02
CA ALA A 199 12.18 18.16 6.72
C ALA A 199 13.12 19.29 7.09
N GLU A 200 13.35 20.19 6.12
CA GLU A 200 14.29 21.29 6.28
C GLU A 200 13.85 22.26 7.36
N MET A 201 12.56 22.47 7.54
CA MET A 201 12.14 23.33 8.65
C MET A 201 12.48 22.72 9.97
N VAL A 202 12.39 21.40 10.08
CA VAL A 202 12.71 20.73 11.36
C VAL A 202 14.19 20.82 11.76
N THR A 203 15.06 20.21 10.94
CA THR A 203 16.53 20.17 11.13
C THR A 203 17.31 21.46 10.76
N ARG A 204 16.67 22.39 10.05
CA ARG A 204 17.37 23.59 9.51
C ARG A 204 18.53 23.30 8.53
N ARG A 205 18.59 22.06 8.01
CA ARG A 205 19.41 21.77 6.82
C ARG A 205 18.68 20.93 5.76
N ALA A 206 19.20 20.99 4.53
CA ALA A 206 18.56 20.40 3.38
C ALA A 206 18.46 18.91 3.56
N LEU A 207 17.35 18.33 3.14
CA LEU A 207 17.17 16.93 3.22
C LEU A 207 18.07 16.26 2.19
N PHE A 208 17.97 16.68 0.93
CA PHE A 208 18.80 16.11 -0.11
C PHE A 208 19.71 17.11 -0.88
N PRO A 209 20.84 17.56 -0.26
CA PRO A 209 21.71 18.60 -0.88
C PRO A 209 22.72 18.05 -1.86
N GLY A 210 22.26 17.58 -3.01
CA GLY A 210 23.15 16.96 -3.98
C GLY A 210 23.84 17.97 -4.86
N ASP A 211 24.81 17.49 -5.64
CA ASP A 211 25.63 18.35 -6.51
C ASP A 211 25.35 18.08 -7.97
N SER A 212 24.92 16.87 -8.32
CA SER A 212 24.52 16.60 -9.68
C SER A 212 23.27 15.75 -9.71
N GLU A 213 22.73 15.55 -10.91
CA GLU A 213 21.55 14.73 -11.04
C GLU A 213 21.71 13.37 -10.39
N ILE A 214 22.80 12.68 -10.65
CA ILE A 214 22.93 11.33 -10.04
C ILE A 214 23.25 11.37 -8.54
N ASP A 215 23.96 12.40 -8.10
CA ASP A 215 24.27 12.55 -6.67
C ASP A 215 22.95 12.63 -5.94
N GLN A 216 22.06 13.42 -6.48
CA GLN A 216 20.78 13.74 -5.87
C GLN A 216 19.90 12.50 -5.79
N LEU A 217 19.93 11.66 -6.83
CA LEU A 217 19.17 10.42 -6.84
C LEU A 217 19.63 9.54 -5.71
N PHE A 218 20.95 9.37 -5.63
CA PHE A 218 21.55 8.41 -4.71
C PHE A 218 21.40 8.88 -3.28
N ARG A 219 21.34 10.20 -3.07
CA ARG A 219 21.06 10.71 -1.71
C ARG A 219 19.64 10.33 -1.31
N ILE A 220 18.71 10.59 -2.22
CA ILE A 220 17.35 10.18 -2.06
C ILE A 220 17.25 8.66 -1.83
N PHE A 221 17.80 7.82 -2.74
CA PHE A 221 17.86 6.37 -2.50
C PHE A 221 18.50 6.01 -1.15
N ARG A 222 19.56 6.67 -0.73
CA ARG A 222 20.20 6.24 0.52
C ARG A 222 19.33 6.44 1.75
N THR A 223 18.34 7.32 1.66
CA THR A 223 17.48 7.66 2.79
C THR A 223 16.20 6.84 2.72
N LEU A 224 15.62 6.76 1.53
CA LEU A 224 14.31 6.21 1.40
C LEU A 224 14.39 4.81 0.87
N GLY A 225 15.60 4.40 0.52
CA GLY A 225 15.87 3.04 0.04
C GLY A 225 15.64 3.06 -1.44
N THR A 226 16.46 2.32 -2.20
CA THR A 226 16.31 2.28 -3.64
C THR A 226 14.98 1.66 -4.04
N PRO A 227 14.26 2.27 -5.01
CA PRO A 227 12.93 1.75 -5.30
C PRO A 227 12.98 0.56 -6.22
N ASP A 228 12.07 -0.39 -5.96
CA ASP A 228 11.84 -1.54 -6.84
C ASP A 228 10.41 -1.50 -7.39
N GLU A 229 10.10 -2.45 -8.28
CA GLU A 229 8.75 -2.62 -8.82
C GLU A 229 7.70 -2.82 -7.72
N VAL A 230 8.07 -3.32 -6.55
CA VAL A 230 7.09 -3.38 -5.46
C VAL A 230 6.72 -1.95 -5.06
N VAL A 231 7.70 -1.21 -4.56
CA VAL A 231 7.45 0.15 -4.06
C VAL A 231 6.91 1.12 -5.16
N TRP A 232 7.41 0.97 -6.37
CA TRP A 232 7.11 1.94 -7.37
C TRP A 232 6.94 1.18 -8.66
N PRO A 233 5.74 0.59 -8.91
CA PRO A 233 5.53 -0.12 -10.18
C PRO A 233 5.88 0.77 -11.35
N GLY A 234 6.49 0.17 -12.37
CA GLY A 234 7.05 0.92 -13.50
C GLY A 234 8.39 1.65 -13.33
N VAL A 235 9.06 1.61 -12.15
CA VAL A 235 10.32 2.37 -11.98
C VAL A 235 11.35 1.90 -12.97
N THR A 236 11.51 0.57 -13.02
CA THR A 236 12.59 -0.06 -13.77
C THR A 236 12.46 0.18 -15.26
N SER A 237 11.28 0.55 -15.72
CA SER A 237 11.13 0.90 -17.13
C SER A 237 11.31 2.38 -17.43
N MET A 238 11.96 3.13 -16.55
CA MET A 238 12.06 4.57 -16.74
C MET A 238 13.34 4.95 -17.43
N PRO A 239 13.28 5.95 -18.34
CA PRO A 239 14.39 6.23 -19.26
C PRO A 239 15.76 6.26 -18.58
N ASP A 240 15.80 6.88 -17.41
CA ASP A 240 17.05 7.09 -16.73
C ASP A 240 17.30 6.17 -15.54
N TYR A 241 16.52 5.11 -15.43
CA TYR A 241 16.77 4.10 -14.40
C TYR A 241 17.83 3.13 -14.92
N LYS A 242 18.72 2.72 -14.04
CA LYS A 242 19.79 1.83 -14.43
C LYS A 242 19.83 0.64 -13.49
N PRO A 243 19.78 -0.58 -14.04
CA PRO A 243 19.84 -1.80 -13.19
C PRO A 243 21.08 -1.91 -12.27
N SER A 244 22.14 -1.16 -12.55
CA SER A 244 23.31 -1.07 -11.67
C SER A 244 23.18 -0.04 -10.52
N PHE A 245 22.08 0.69 -10.40
CA PHE A 245 21.88 1.54 -9.21
C PHE A 245 22.16 0.69 -7.99
N PRO A 246 22.92 1.23 -7.05
CA PRO A 246 23.13 0.55 -5.77
C PRO A 246 21.79 0.37 -5.06
N LYS A 247 21.59 -0.78 -4.43
CA LYS A 247 20.35 -1.10 -3.78
C LYS A 247 20.49 -0.84 -2.28
N TRP A 248 19.87 0.22 -1.78
CA TRP A 248 20.06 0.54 -0.37
C TRP A 248 18.79 0.23 0.36
N ALA A 249 18.91 -0.35 1.54
CA ALA A 249 17.80 -0.61 2.42
C ALA A 249 17.14 0.72 2.76
N ARG A 250 15.82 0.76 2.82
CA ARG A 250 15.16 1.94 3.34
C ARG A 250 15.49 2.09 4.82
N GLN A 251 15.74 3.30 5.32
CA GLN A 251 15.59 3.52 6.80
C GLN A 251 14.20 4.11 6.94
N ASP A 252 13.42 3.83 8.01
CA ASP A 252 13.54 4.20 9.42
C ASP A 252 13.43 5.71 9.59
N PHE A 253 12.20 6.17 9.38
CA PHE A 253 11.92 7.57 9.38
C PHE A 253 12.24 8.24 10.67
N SER A 254 12.20 7.49 11.75
CA SER A 254 12.51 8.07 13.05
C SER A 254 13.93 8.59 12.99
N LYS A 255 14.68 8.22 11.97
CA LYS A 255 16.06 8.72 11.95
C LYS A 255 16.40 9.77 10.86
N VAL A 256 15.59 9.79 9.81
CA VAL A 256 15.63 10.84 8.82
C VAL A 256 15.41 12.26 9.39
N VAL A 257 14.42 12.42 10.26
CA VAL A 257 14.11 13.69 10.91
C VAL A 257 13.75 13.40 12.37
N PRO A 258 14.75 13.02 13.18
CA PRO A 258 14.59 12.59 14.56
C PRO A 258 13.70 13.41 15.46
N PRO A 259 13.70 14.76 15.37
CA PRO A 259 12.81 15.44 16.34
C PRO A 259 11.30 15.27 16.10
N LEU A 260 10.93 14.78 14.93
CA LEU A 260 9.54 14.60 14.57
C LEU A 260 8.83 13.51 15.37
N ASP A 261 7.61 13.80 15.79
CA ASP A 261 6.76 12.86 16.48
C ASP A 261 6.16 11.91 15.45
N GLU A 262 5.31 10.98 15.88
CA GLU A 262 4.60 10.06 14.98
C GLU A 262 3.75 10.71 13.83
N ASP A 263 2.95 11.73 14.14
CA ASP A 263 2.11 12.37 13.10
C ASP A 263 3.03 13.10 12.10
N GLY A 264 4.00 13.83 12.61
CA GLY A 264 5.01 14.42 11.79
C GLY A 264 5.56 13.45 10.78
N ARG A 265 5.97 12.27 11.23
CA ARG A 265 6.70 11.34 10.38
C ARG A 265 5.82 10.68 9.40
N SER A 266 4.58 10.44 9.80
CA SER A 266 3.59 9.82 8.95
C SER A 266 3.38 10.74 7.76
N LEU A 267 3.22 12.05 8.06
CA LEU A 267 2.99 13.05 7.04
C LEU A 267 4.15 13.13 6.05
N LEU A 268 5.38 13.23 6.56
CA LEU A 268 6.50 13.41 5.66
C LEU A 268 6.68 12.23 4.73
N SER A 269 6.39 11.02 5.19
CA SER A 269 6.59 9.82 4.33
C SER A 269 5.53 9.78 3.26
N GLN A 270 4.35 10.23 3.63
CA GLN A 270 3.26 10.39 2.66
C GLN A 270 3.64 11.44 1.63
N MET A 271 4.36 12.49 2.05
CA MET A 271 4.82 13.47 1.09
C MET A 271 6.03 13.00 0.26
N LEU A 272 6.84 12.10 0.84
CA LEU A 272 8.04 11.57 0.18
C LEU A 272 7.85 10.16 -0.41
N HIS A 273 6.63 9.85 -0.83
CA HIS A 273 6.38 8.61 -1.54
C HIS A 273 7.03 8.59 -2.90
N TYR A 274 7.60 7.46 -3.26
CA TYR A 274 8.22 7.33 -4.54
C TYR A 274 7.21 7.50 -5.65
N ASP A 275 6.10 6.78 -5.55
CA ASP A 275 5.14 6.64 -6.64
C ASP A 275 4.27 7.85 -6.68
N PRO A 276 4.44 8.68 -7.72
CA PRO A 276 3.67 9.93 -7.78
C PRO A 276 2.19 9.73 -7.48
N ASN A 277 1.61 8.61 -7.89
CA ASN A 277 0.25 8.19 -7.51
C ASN A 277 -0.08 7.84 -6.05
N LYS A 278 0.87 7.31 -5.29
CA LYS A 278 0.60 7.11 -3.87
C LYS A 278 0.83 8.41 -3.12
N ARG A 279 1.63 9.31 -3.68
CA ARG A 279 2.08 10.50 -2.92
C ARG A 279 0.89 11.36 -2.59
N ILE A 280 0.86 11.87 -1.37
CA ILE A 280 -0.33 12.53 -0.90
C ILE A 280 -0.56 13.85 -1.66
N SER A 281 -1.81 14.23 -1.86
CA SER A 281 -2.11 15.53 -2.47
C SER A 281 -2.20 16.61 -1.36
N ALA A 282 -1.93 17.86 -1.71
CA ALA A 282 -2.10 18.99 -0.77
C ALA A 282 -3.48 19.02 -0.08
N LYS A 283 -4.56 18.95 -0.86
CA LYS A 283 -5.92 18.77 -0.35
C LYS A 283 -5.95 17.77 0.80
N ALA A 284 -5.58 16.53 0.47
CA ALA A 284 -5.65 15.39 1.47
C ALA A 284 -4.80 15.71 2.67
N ALA A 285 -3.65 16.31 2.44
CA ALA A 285 -2.68 16.54 3.46
C ALA A 285 -3.16 17.52 4.50
N LEU A 286 -4.22 18.26 4.21
CA LEU A 286 -4.65 19.26 5.14
C LEU A 286 -5.46 18.62 6.24
N ALA A 287 -5.89 17.39 6.01
CA ALA A 287 -6.79 16.68 6.90
C ALA A 287 -5.97 15.85 7.85
N HIS A 288 -4.67 15.77 7.60
CA HIS A 288 -3.82 14.88 8.35
C HIS A 288 -3.83 15.22 9.85
N PRO A 289 -3.81 14.19 10.70
CA PRO A 289 -3.72 14.41 12.16
C PRO A 289 -2.50 15.27 12.62
N PHE A 290 -1.44 15.34 11.85
CA PHE A 290 -0.41 16.31 12.17
C PHE A 290 -0.99 17.70 12.50
N PHE A 291 -2.11 18.04 11.86
CA PHE A 291 -2.67 19.38 11.96
C PHE A 291 -3.78 19.62 13.02
N GLN A 292 -4.18 18.57 13.75
CA GLN A 292 -5.28 18.69 14.71
C GLN A 292 -5.22 19.95 15.55
N ASP A 293 -4.06 20.22 16.14
CA ASP A 293 -3.91 21.28 17.15
C ASP A 293 -3.26 22.53 16.58
N VAL A 294 -3.38 22.71 15.26
CA VAL A 294 -2.61 23.74 14.58
C VAL A 294 -3.14 25.12 14.95
N THR A 295 -2.27 26.12 14.98
CA THR A 295 -2.70 27.52 15.04
C THR A 295 -1.89 28.37 14.07
N LYS A 296 -1.98 29.69 14.21
CA LYS A 296 -1.22 30.59 13.36
C LYS A 296 -0.42 31.60 14.20
N PRO A 297 0.63 31.15 14.89
CA PRO A 297 1.47 32.07 15.63
C PRO A 297 2.34 32.96 14.76
N VAL A 298 2.63 34.15 15.26
CA VAL A 298 3.67 35.04 14.79
C VAL A 298 5.03 34.35 15.01
N PRO A 299 6.05 34.66 14.19
CA PRO A 299 7.43 34.27 14.55
C PRO A 299 8.18 35.39 15.28
N HIS A 300 9.51 35.27 15.45
CA HIS A 300 10.40 36.41 15.89
C HIS A 300 11.31 36.99 14.77
N LEU A 301 10.99 38.16 14.19
CA LEU A 301 11.82 38.69 13.09
C LEU A 301 12.82 39.75 13.54
N VAL B 2 -3.05 9.88 -11.90
CA VAL B 2 -3.78 10.65 -10.83
C VAL B 2 -4.89 11.67 -11.32
N PRO B 3 -6.19 11.31 -11.15
CA PRO B 3 -7.13 12.34 -11.53
C PRO B 3 -7.21 13.26 -10.32
N ASP B 4 -6.09 13.91 -10.00
CA ASP B 4 -5.94 14.37 -8.64
C ASP B 4 -6.89 15.53 -8.25
N TYR B 5 -7.03 16.50 -9.15
CA TYR B 5 -7.92 17.61 -8.88
C TYR B 5 -8.97 17.70 -9.96
N HIS B 6 -9.22 16.54 -10.58
CA HIS B 6 -10.11 16.30 -11.73
C HIS B 6 -11.40 17.14 -11.72
N GLU B 7 -12.31 16.85 -10.78
CA GLU B 7 -13.56 17.64 -10.62
C GLU B 7 -13.31 19.14 -10.49
N ASP B 8 -12.36 19.49 -9.60
CA ASP B 8 -12.09 20.87 -9.25
C ASP B 8 -11.71 21.65 -10.48
N ILE B 9 -10.76 21.09 -11.23
CA ILE B 9 -10.29 21.70 -12.41
C ILE B 9 -11.41 21.83 -13.45
N HIS B 10 -12.16 20.76 -13.66
CA HIS B 10 -13.25 20.82 -14.61
C HIS B 10 -14.21 21.93 -14.19
N THR B 11 -14.53 21.97 -12.91
CA THR B 11 -15.37 23.06 -12.40
C THR B 11 -14.75 24.42 -12.64
N TYR B 12 -13.46 24.53 -12.48
CA TYR B 12 -12.87 25.82 -12.68
C TYR B 12 -12.84 26.21 -14.18
N LEU B 13 -12.59 25.23 -15.04
CA LEU B 13 -12.64 25.49 -16.48
C LEU B 13 -14.03 25.93 -16.95
N ARG B 14 -15.08 25.33 -16.37
CA ARG B 14 -16.45 25.70 -16.70
C ARG B 14 -16.74 27.15 -16.33
N GLU B 15 -16.39 27.56 -15.13
CA GLU B 15 -16.51 28.96 -14.78
C GLU B 15 -15.70 29.88 -15.71
N MET B 16 -14.45 29.52 -15.98
CA MET B 16 -13.59 30.38 -16.78
C MET B 16 -14.02 30.46 -18.22
N GLU B 17 -14.52 29.37 -18.80
CA GLU B 17 -14.91 29.41 -20.22
C GLU B 17 -15.94 30.52 -20.53
N VAL B 18 -16.88 30.72 -19.62
CA VAL B 18 -17.82 31.84 -19.71
C VAL B 18 -17.17 33.23 -19.64
N LYS B 19 -16.15 33.39 -18.81
CA LYS B 19 -15.50 34.69 -18.72
C LYS B 19 -14.49 34.89 -19.86
N CYS B 20 -14.04 33.79 -20.46
CA CYS B 20 -13.00 33.91 -21.47
C CYS B 20 -13.62 33.83 -22.89
N LYS B 21 -14.96 33.75 -22.92
CA LYS B 21 -15.77 33.71 -24.13
C LYS B 21 -15.72 35.02 -24.95
N PRO B 22 -15.46 34.92 -26.27
CA PRO B 22 -15.48 36.08 -27.11
C PRO B 22 -16.93 36.53 -27.41
N LYS B 23 -17.11 37.78 -27.84
CA LYS B 23 -18.42 38.30 -28.19
C LYS B 23 -18.91 37.59 -29.46
N VAL B 24 -20.13 37.06 -29.43
CA VAL B 24 -20.70 36.18 -30.46
C VAL B 24 -20.93 36.93 -31.76
N GLY B 25 -21.18 38.22 -31.64
CA GLY B 25 -21.40 39.03 -32.84
C GLY B 25 -20.24 39.85 -33.38
N TYR B 26 -19.02 39.64 -32.88
CA TYR B 26 -18.00 40.62 -33.17
C TYR B 26 -17.89 40.99 -34.64
N MET B 27 -18.29 40.10 -35.54
CA MET B 27 -18.02 40.28 -36.97
C MET B 27 -18.95 41.27 -37.66
N LYS B 28 -20.21 41.34 -37.19
CA LYS B 28 -21.15 42.38 -37.65
C LYS B 28 -20.54 43.77 -37.45
N LYS B 29 -19.98 44.02 -36.27
CA LYS B 29 -19.37 45.31 -35.97
C LYS B 29 -17.99 45.50 -36.60
N GLN B 30 -17.47 44.53 -37.37
CA GLN B 30 -16.16 44.74 -37.99
C GLN B 30 -16.36 45.22 -39.41
N PRO B 31 -15.87 46.43 -39.72
CA PRO B 31 -16.23 47.07 -40.99
C PRO B 31 -15.48 46.45 -42.17
N ASP B 32 -14.21 46.20 -41.99
CA ASP B 32 -13.35 45.76 -43.09
C ASP B 32 -13.03 44.24 -43.15
N ILE B 33 -13.60 43.39 -42.28
CA ILE B 33 -13.37 41.94 -42.31
C ILE B 33 -14.63 41.10 -42.06
N THR B 34 -14.52 39.81 -42.37
CA THR B 34 -15.63 38.87 -42.44
C THR B 34 -15.28 37.47 -41.93
N ASN B 35 -16.33 36.67 -41.74
CA ASN B 35 -16.18 35.28 -41.36
C ASN B 35 -15.23 34.47 -42.23
N SER B 36 -15.27 34.64 -43.55
CA SER B 36 -14.40 33.86 -44.43
C SER B 36 -12.96 34.27 -44.38
N MET B 37 -12.71 35.56 -44.19
CA MET B 37 -11.34 36.01 -43.94
C MET B 37 -10.75 35.41 -42.65
N ARG B 38 -11.57 35.34 -41.59
CA ARG B 38 -11.14 34.71 -40.35
C ARG B 38 -10.91 33.20 -40.54
N ALA B 39 -11.75 32.57 -41.37
CA ALA B 39 -11.57 31.16 -41.75
C ALA B 39 -10.23 30.98 -42.44
N ILE B 40 -9.87 31.95 -43.28
CA ILE B 40 -8.63 31.86 -44.03
C ILE B 40 -7.45 31.99 -43.08
N LEU B 41 -7.56 32.89 -42.09
CA LEU B 41 -6.50 33.02 -41.08
C LEU B 41 -6.37 31.77 -40.19
N VAL B 42 -7.50 31.22 -39.75
CA VAL B 42 -7.33 30.07 -38.89
C VAL B 42 -6.69 28.91 -39.68
N ASP B 43 -7.18 28.70 -40.90
CA ASP B 43 -6.61 27.68 -41.76
C ASP B 43 -5.10 27.83 -41.86
N TRP B 44 -4.67 29.07 -42.11
CA TRP B 44 -3.26 29.31 -42.19
C TRP B 44 -2.52 29.04 -40.89
N LEU B 45 -3.15 29.39 -39.75
CA LEU B 45 -2.55 29.10 -38.43
C LEU B 45 -2.40 27.60 -38.22
N VAL B 46 -3.39 26.83 -38.69
CA VAL B 46 -3.23 25.37 -38.68
C VAL B 46 -1.99 24.88 -39.43
N GLU B 47 -1.81 25.33 -40.68
CA GLU B 47 -0.56 25.01 -41.39
C GLU B 47 0.65 25.43 -40.58
N VAL B 48 0.63 26.63 -40.00
CA VAL B 48 1.76 27.08 -39.20
C VAL B 48 2.06 26.06 -38.09
N GLY B 49 1.04 25.63 -37.35
CA GLY B 49 1.20 24.59 -36.34
C GLY B 49 1.83 23.31 -36.83
N GLU B 50 1.39 22.82 -37.98
CA GLU B 50 2.03 21.64 -38.60
C GLU B 50 3.47 21.89 -39.02
N GLU B 51 3.69 23.04 -39.65
CA GLU B 51 5.01 23.40 -40.09
C GLU B 51 5.95 23.44 -38.90
N TYR B 52 5.49 23.96 -37.75
CA TYR B 52 6.42 24.20 -36.63
C TYR B 52 6.28 23.18 -35.55
N LYS B 53 5.37 22.23 -35.80
CA LYS B 53 5.18 21.07 -34.96
C LYS B 53 4.69 21.49 -33.58
N LEU B 54 3.75 22.44 -33.56
CA LEU B 54 3.28 23.03 -32.34
C LEU B 54 2.16 22.18 -31.79
N GLN B 55 1.91 22.27 -30.49
CA GLN B 55 0.83 21.52 -29.85
C GLN B 55 -0.49 21.95 -30.44
N ASN B 56 -1.50 21.10 -30.34
CA ASN B 56 -2.87 21.51 -30.64
C ASN B 56 -3.45 22.56 -29.67
N GLU B 57 -3.10 22.45 -28.40
CA GLU B 57 -3.48 23.44 -27.39
C GLU B 57 -3.09 24.87 -27.80
N THR B 58 -1.88 25.01 -28.32
CA THR B 58 -1.33 26.26 -28.85
C THR B 58 -2.19 26.90 -29.97
N LEU B 59 -2.50 26.14 -31.02
CA LEU B 59 -3.42 26.62 -32.04
C LEU B 59 -4.77 27.05 -31.48
N HIS B 60 -5.40 26.18 -30.66
CA HIS B 60 -6.66 26.54 -29.97
C HIS B 60 -6.54 27.80 -29.12
N LEU B 61 -5.42 27.97 -28.44
CA LEU B 61 -5.26 29.14 -27.65
C LEU B 61 -5.19 30.37 -28.53
N ALA B 62 -4.27 30.40 -29.49
CA ALA B 62 -4.16 31.50 -30.46
C ALA B 62 -5.55 31.96 -31.03
N VAL B 63 -6.43 31.01 -31.32
CA VAL B 63 -7.71 31.36 -31.92
C VAL B 63 -8.53 32.14 -30.93
N ASN B 64 -8.73 31.58 -29.74
CA ASN B 64 -9.32 32.33 -28.65
C ASN B 64 -8.78 33.76 -28.48
N TYR B 65 -7.48 33.96 -28.64
CA TYR B 65 -6.92 35.33 -28.54
C TYR B 65 -7.44 36.22 -29.62
N ILE B 66 -7.50 35.69 -30.84
CA ILE B 66 -7.79 36.48 -32.03
C ILE B 66 -9.21 36.99 -31.87
N ASP B 67 -10.12 36.05 -31.56
CA ASP B 67 -11.54 36.36 -31.41
C ASP B 67 -11.85 37.35 -30.32
N ARG B 68 -11.08 37.27 -29.24
CA ARG B 68 -11.28 38.13 -28.08
C ARG B 68 -10.71 39.48 -28.42
N PHE B 69 -9.59 39.47 -29.14
CA PHE B 69 -8.96 40.72 -29.51
C PHE B 69 -9.85 41.44 -30.51
N LEU B 70 -10.41 40.67 -31.46
CA LEU B 70 -11.36 41.23 -32.43
C LEU B 70 -12.72 41.51 -31.86
N SER B 71 -13.04 40.96 -30.70
CA SER B 71 -14.31 41.37 -30.04
C SER B 71 -14.30 42.82 -29.58
N SER B 72 -13.11 43.42 -29.40
CA SER B 72 -13.01 44.81 -28.99
C SER B 72 -12.20 45.75 -29.88
N MET B 73 -11.38 45.24 -30.79
CA MET B 73 -10.60 46.14 -31.66
C MET B 73 -10.91 45.98 -33.16
N SER B 74 -11.23 47.10 -33.80
CA SER B 74 -11.40 47.11 -35.24
C SER B 74 -10.07 46.84 -35.86
N VAL B 75 -10.01 45.96 -36.88
CA VAL B 75 -8.77 45.71 -37.63
C VAL B 75 -9.03 45.74 -39.14
N LEU B 76 -8.07 46.29 -39.88
CA LEU B 76 -8.14 46.37 -41.35
C LEU B 76 -7.68 45.06 -41.98
N ARG B 77 -8.19 44.74 -43.19
CA ARG B 77 -7.71 43.56 -43.96
C ARG B 77 -6.20 43.41 -43.98
N GLY B 78 -5.50 44.53 -44.15
CA GLY B 78 -4.05 44.52 -44.20
C GLY B 78 -3.40 44.13 -42.88
N LYS B 79 -4.17 44.11 -41.78
CA LYS B 79 -3.57 43.80 -40.48
C LYS B 79 -4.08 42.55 -39.79
N LEU B 80 -5.19 42.00 -40.24
CA LEU B 80 -5.72 40.79 -39.65
C LEU B 80 -4.67 39.70 -39.44
N GLN B 81 -3.66 39.67 -40.31
CA GLN B 81 -2.65 38.63 -40.25
C GLN B 81 -1.59 38.96 -39.25
N LEU B 82 -1.36 40.26 -39.05
CA LEU B 82 -0.37 40.69 -38.05
C LEU B 82 -0.89 40.28 -36.67
N VAL B 83 -2.18 40.54 -36.45
CA VAL B 83 -2.84 40.16 -35.25
C VAL B 83 -2.70 38.66 -35.14
N GLY B 84 -2.85 37.98 -36.27
CA GLY B 84 -2.88 36.50 -36.27
C GLY B 84 -1.53 35.97 -35.86
N THR B 85 -0.48 36.55 -36.39
CA THR B 85 0.85 36.09 -36.05
C THR B 85 1.20 36.26 -34.56
N ALA B 86 0.95 37.44 -33.98
CA ALA B 86 1.28 37.68 -32.55
C ALA B 86 0.44 36.79 -31.65
N ALA B 87 -0.80 36.57 -32.02
CA ALA B 87 -1.66 35.67 -31.27
C ALA B 87 -0.96 34.32 -31.10
N MET B 88 -0.27 33.87 -32.15
CA MET B 88 0.38 32.56 -32.20
C MET B 88 1.68 32.54 -31.41
N LEU B 89 2.49 33.58 -31.62
CA LEU B 89 3.68 33.82 -30.81
C LEU B 89 3.33 33.81 -29.31
N LEU B 90 2.34 34.59 -28.92
CA LEU B 90 1.82 34.52 -27.56
C LEU B 90 1.38 33.12 -27.18
N ALA B 91 0.58 32.46 -28.02
CA ALA B 91 0.19 31.07 -27.70
C ALA B 91 1.41 30.18 -27.44
N SER B 92 2.46 30.29 -28.26
CA SER B 92 3.59 29.41 -28.17
C SER B 92 4.37 29.66 -26.89
N LYS B 93 4.58 30.94 -26.58
CA LYS B 93 5.29 31.28 -25.38
C LYS B 93 4.57 30.74 -24.15
N PHE B 94 3.25 30.68 -24.19
CA PHE B 94 2.54 30.29 -23.00
C PHE B 94 2.68 28.77 -22.81
N GLU B 95 2.50 28.09 -23.94
CA GLU B 95 2.16 26.69 -23.98
C GLU B 95 3.34 25.75 -24.39
N GLU B 96 4.33 26.25 -25.13
CA GLU B 96 5.29 25.35 -25.76
C GLU B 96 6.59 25.28 -24.99
N ILE B 97 7.10 24.06 -24.78
CA ILE B 97 8.41 23.90 -24.22
C ILE B 97 9.39 24.73 -25.04
N TYR B 98 9.37 24.59 -26.37
CA TYR B 98 10.27 25.39 -27.22
C TYR B 98 9.56 26.20 -28.32
N PRO B 99 9.18 27.44 -28.00
CA PRO B 99 8.51 28.28 -28.98
C PRO B 99 9.47 28.66 -30.12
N PRO B 100 8.96 28.79 -31.35
CA PRO B 100 9.77 29.33 -32.43
C PRO B 100 10.20 30.74 -32.10
N GLU B 101 11.32 31.19 -32.65
CA GLU B 101 11.78 32.59 -32.40
C GLU B 101 10.85 33.57 -33.10
N VAL B 102 10.84 34.80 -32.61
CA VAL B 102 10.13 35.89 -33.31
C VAL B 102 10.40 35.89 -34.83
N ALA B 103 11.68 35.76 -35.22
CA ALA B 103 12.04 35.74 -36.63
C ALA B 103 11.17 34.75 -37.41
N GLU B 104 11.05 33.51 -36.93
CA GLU B 104 10.21 32.54 -37.59
C GLU B 104 8.80 33.05 -37.85
N PHE B 105 8.26 33.87 -36.96
CA PHE B 105 6.88 34.29 -37.20
C PHE B 105 6.81 35.35 -38.29
N VAL B 106 7.86 36.18 -38.34
CA VAL B 106 8.10 37.14 -39.43
C VAL B 106 8.19 36.38 -40.76
N TYR B 107 9.05 35.38 -40.80
CA TYR B 107 9.30 34.56 -41.99
C TYR B 107 8.03 33.91 -42.58
N ILE B 108 7.16 33.38 -41.73
CA ILE B 108 5.98 32.67 -42.25
C ILE B 108 4.89 33.59 -42.80
N THR B 109 5.18 34.87 -42.88
CA THR B 109 4.31 35.81 -43.57
C THR B 109 4.87 36.22 -44.96
N ASP B 110 5.97 35.60 -45.40
CA ASP B 110 6.85 36.13 -46.48
C ASP B 110 7.21 37.60 -46.25
N ASP B 111 7.41 37.95 -44.99
CA ASP B 111 7.97 39.23 -44.60
C ASP B 111 7.04 40.40 -44.88
N THR B 112 5.73 40.12 -44.85
CA THR B 112 4.71 41.15 -44.91
C THR B 112 4.96 42.23 -43.86
N TYR B 113 5.25 41.82 -42.64
CA TYR B 113 5.43 42.76 -41.54
C TYR B 113 6.84 42.64 -41.00
N THR B 114 7.30 43.64 -40.28
CA THR B 114 8.63 43.57 -39.68
C THR B 114 8.54 42.94 -38.31
N LYS B 115 9.71 42.53 -37.82
CA LYS B 115 9.87 42.09 -36.45
C LYS B 115 9.38 43.17 -35.47
N LYS B 116 9.70 44.42 -35.77
CA LYS B 116 9.36 45.53 -34.91
C LYS B 116 7.86 45.59 -34.70
N GLN B 117 7.12 45.37 -35.78
CA GLN B 117 5.65 45.37 -35.76
C GLN B 117 5.06 44.15 -35.05
N VAL B 118 5.76 43.02 -35.10
CA VAL B 118 5.20 41.80 -34.54
C VAL B 118 5.25 41.90 -33.02
N LEU B 119 6.36 42.42 -32.50
CA LEU B 119 6.50 42.64 -31.06
C LEU B 119 5.56 43.74 -30.52
N ARG B 120 5.29 44.76 -31.35
CA ARG B 120 4.39 45.85 -30.99
C ARG B 120 2.94 45.39 -30.94
N MET B 121 2.62 44.44 -31.81
CA MET B 121 1.29 43.82 -31.87
C MET B 121 1.19 42.90 -30.69
N GLU B 122 2.31 42.27 -30.33
CA GLU B 122 2.31 41.32 -29.22
C GLU B 122 1.91 42.14 -27.99
N HIS B 123 2.65 43.20 -27.76
CA HIS B 123 2.36 44.12 -26.69
C HIS B 123 0.90 44.58 -26.77
N LEU B 124 0.48 44.99 -27.98
CA LEU B 124 -0.87 45.48 -28.06
C LEU B 124 -1.83 44.36 -27.73
N VAL B 125 -1.61 43.17 -28.28
CA VAL B 125 -2.51 42.04 -27.89
C VAL B 125 -2.60 41.77 -26.35
N LEU B 126 -1.45 41.73 -25.66
CA LEU B 126 -1.42 41.58 -24.18
C LEU B 126 -2.18 42.68 -23.49
N LYS B 127 -2.00 43.92 -23.95
CA LYS B 127 -2.79 45.01 -23.40
C LYS B 127 -4.25 44.68 -23.50
N VAL B 128 -4.73 44.27 -24.67
CA VAL B 128 -6.18 44.21 -24.83
C VAL B 128 -6.75 43.03 -24.07
N LEU B 129 -6.00 41.93 -24.05
CA LEU B 129 -6.42 40.80 -23.24
C LEU B 129 -6.09 41.05 -21.76
N THR B 130 -5.44 42.17 -21.43
CA THR B 130 -4.96 42.44 -20.03
C THR B 130 -4.29 41.21 -19.46
N PHE B 131 -3.59 40.48 -20.32
CA PHE B 131 -2.78 39.33 -19.94
C PHE B 131 -3.62 38.09 -19.53
N ASP B 132 -4.92 38.08 -19.77
CA ASP B 132 -5.63 36.87 -19.41
C ASP B 132 -5.44 35.83 -20.48
N LEU B 133 -4.35 35.08 -20.42
CA LEU B 133 -4.04 34.11 -21.48
C LEU B 133 -4.40 32.63 -21.24
N ALA B 134 -4.78 32.30 -20.01
CA ALA B 134 -4.96 30.91 -19.67
C ALA B 134 -6.40 30.59 -19.91
N ALA B 135 -6.80 30.54 -21.17
CA ALA B 135 -8.19 30.33 -21.49
C ALA B 135 -8.53 28.85 -21.68
N PRO B 136 -9.66 28.41 -21.13
CA PRO B 136 -10.08 27.03 -21.39
C PRO B 136 -10.32 26.85 -22.88
N THR B 137 -10.04 25.67 -23.41
CA THR B 137 -10.22 25.39 -24.82
C THR B 137 -10.89 24.06 -25.04
N VAL B 138 -11.21 23.81 -26.30
CA VAL B 138 -11.97 22.60 -26.67
C VAL B 138 -11.08 21.41 -26.42
N ASN B 139 -9.86 21.57 -26.84
CA ASN B 139 -8.85 20.58 -26.57
C ASN B 139 -8.74 20.28 -25.04
N GLN B 140 -8.83 21.27 -24.15
CA GLN B 140 -8.83 20.96 -22.70
C GLN B 140 -10.05 20.20 -22.19
N PHE B 141 -11.23 20.49 -22.69
CA PHE B 141 -12.33 19.67 -22.23
C PHE B 141 -12.21 18.21 -22.79
N LEU B 142 -11.93 18.06 -24.09
CA LEU B 142 -11.94 16.79 -24.80
C LEU B 142 -11.03 15.83 -24.11
N THR B 143 -9.88 16.34 -23.76
CA THR B 143 -8.88 15.56 -23.08
C THR B 143 -9.40 14.95 -21.75
N GLN B 144 -10.21 15.68 -20.98
CA GLN B 144 -10.79 15.11 -19.75
C GLN B 144 -11.85 14.08 -20.06
N TYR B 145 -12.75 14.39 -21.00
CA TYR B 145 -13.76 13.48 -21.46
C TYR B 145 -13.11 12.16 -21.96
N PHE B 146 -11.99 12.27 -22.67
CA PHE B 146 -11.33 11.08 -23.11
C PHE B 146 -11.11 10.13 -21.89
N LEU B 147 -10.87 10.65 -20.68
CA LEU B 147 -10.72 9.74 -19.55
C LEU B 147 -11.97 8.85 -19.26
N HIS B 148 -13.06 9.08 -19.99
CA HIS B 148 -14.32 8.39 -19.70
C HIS B 148 -14.67 7.37 -20.75
N GLN B 149 -13.68 6.88 -21.47
CA GLN B 149 -14.00 5.93 -22.50
C GLN B 149 -13.63 4.49 -22.14
N GLN B 150 -14.40 3.57 -22.73
CA GLN B 150 -14.40 2.18 -22.32
C GLN B 150 -14.15 1.11 -23.42
N PRO B 151 -12.85 0.77 -23.63
CA PRO B 151 -11.74 1.53 -23.06
C PRO B 151 -11.16 2.56 -24.06
N ALA B 152 -10.02 3.17 -23.71
CA ALA B 152 -9.38 4.18 -24.57
C ALA B 152 -9.34 3.78 -26.06
N ASN B 153 -9.85 4.65 -26.93
CA ASN B 153 -9.80 4.38 -28.36
C ASN B 153 -9.16 5.51 -29.16
N CYS B 154 -8.00 5.21 -29.74
CA CYS B 154 -7.17 6.24 -30.34
C CYS B 154 -7.81 6.93 -31.52
N LYS B 155 -8.58 6.17 -32.30
CA LYS B 155 -9.37 6.73 -33.37
C LYS B 155 -10.37 7.72 -32.84
N VAL B 156 -11.13 7.32 -31.81
CA VAL B 156 -12.10 8.19 -31.15
C VAL B 156 -11.45 9.50 -30.76
N GLU B 157 -10.31 9.43 -30.07
CA GLU B 157 -9.59 10.60 -29.69
C GLU B 157 -9.22 11.42 -30.92
N SER B 158 -8.41 10.85 -31.82
CA SER B 158 -7.94 11.64 -32.94
C SER B 158 -9.07 12.26 -33.71
N LEU B 159 -10.15 11.51 -33.94
CA LEU B 159 -11.28 12.04 -34.71
C LEU B 159 -12.03 13.13 -33.96
N ALA B 160 -11.96 13.08 -32.61
CA ALA B 160 -12.55 14.12 -31.78
C ALA B 160 -11.79 15.41 -31.89
N MET B 161 -10.47 15.35 -31.74
CA MET B 161 -9.58 16.46 -32.02
C MET B 161 -9.94 17.04 -33.38
N PHE B 162 -10.22 16.15 -34.33
CA PHE B 162 -10.41 16.58 -35.70
C PHE B 162 -11.61 17.52 -35.81
N LEU B 163 -12.70 17.12 -35.18
CA LEU B 163 -13.95 17.82 -35.32
C LEU B 163 -13.89 19.04 -34.44
N GLY B 164 -13.38 18.84 -33.24
CA GLY B 164 -13.14 19.97 -32.35
C GLY B 164 -12.44 21.05 -33.14
N GLU B 165 -11.40 20.64 -33.86
CA GLU B 165 -10.60 21.54 -34.70
C GLU B 165 -11.36 22.16 -35.86
N LEU B 166 -12.32 21.45 -36.45
CA LEU B 166 -12.98 22.02 -37.60
C LEU B 166 -13.80 23.22 -37.16
N SER B 167 -14.40 23.11 -35.98
CA SER B 167 -15.19 24.22 -35.40
C SER B 167 -14.40 25.53 -35.24
N LEU B 168 -13.09 25.49 -35.08
CA LEU B 168 -12.36 26.74 -34.96
C LEU B 168 -12.57 27.60 -36.18
N ILE B 169 -12.87 26.98 -37.31
CA ILE B 169 -12.67 27.63 -38.62
C ILE B 169 -13.83 28.52 -38.92
N ASP B 170 -15.00 28.18 -38.38
CA ASP B 170 -16.25 28.82 -38.74
C ASP B 170 -16.95 29.59 -37.60
N ALA B 171 -16.58 30.86 -37.44
CA ALA B 171 -17.24 31.80 -36.53
C ALA B 171 -18.76 31.58 -36.49
N ASP B 172 -19.40 31.68 -37.66
CA ASP B 172 -20.80 31.30 -37.79
C ASP B 172 -20.86 29.82 -38.16
N PRO B 173 -21.38 28.96 -37.26
CA PRO B 173 -22.04 29.23 -35.99
C PRO B 173 -21.22 29.04 -34.67
N TYR B 174 -19.99 28.53 -34.70
CA TYR B 174 -19.39 27.99 -33.47
C TYR B 174 -18.95 29.01 -32.40
N LEU B 175 -18.98 30.30 -32.72
CA LEU B 175 -18.75 31.30 -31.73
C LEU B 175 -19.89 31.40 -30.73
N LYS B 176 -20.94 30.65 -30.90
CA LYS B 176 -22.02 30.79 -29.96
C LYS B 176 -22.08 29.61 -29.04
N TYR B 177 -21.19 28.64 -29.27
CA TYR B 177 -21.11 27.45 -28.42
C TYR B 177 -19.86 27.53 -27.60
N LEU B 178 -20.03 27.22 -26.33
CA LEU B 178 -18.92 27.23 -25.38
C LEU B 178 -18.00 26.06 -25.71
N PRO B 179 -16.71 26.20 -25.42
CA PRO B 179 -15.71 25.15 -25.57
C PRO B 179 -16.15 23.78 -25.05
N SER B 180 -16.91 23.77 -23.96
CA SER B 180 -17.17 22.51 -23.27
C SER B 180 -18.24 21.74 -24.02
N VAL B 181 -19.14 22.51 -24.62
CA VAL B 181 -20.25 21.99 -25.42
C VAL B 181 -19.71 21.51 -26.76
N ILE B 182 -18.92 22.32 -27.45
CA ILE B 182 -18.32 21.86 -28.69
C ILE B 182 -17.59 20.54 -28.50
N ALA B 183 -16.79 20.45 -27.45
CA ALA B 183 -16.11 19.22 -27.07
C ALA B 183 -17.10 18.10 -26.80
N GLY B 184 -18.28 18.47 -26.36
CA GLY B 184 -19.30 17.51 -26.09
C GLY B 184 -19.76 16.97 -27.43
N ALA B 185 -20.14 17.88 -28.30
CA ALA B 185 -20.55 17.52 -29.64
C ALA B 185 -19.50 16.63 -30.32
N ALA B 186 -18.25 17.06 -30.34
CA ALA B 186 -17.19 16.34 -31.01
C ALA B 186 -16.96 14.93 -30.40
N PHE B 187 -16.79 14.84 -29.09
CA PHE B 187 -16.57 13.56 -28.47
C PHE B 187 -17.69 12.58 -28.81
N HIS B 188 -18.93 13.00 -28.63
CA HIS B 188 -20.04 12.13 -28.95
C HIS B 188 -20.02 11.74 -30.41
N LEU B 189 -19.78 12.73 -31.27
CA LEU B 189 -19.74 12.51 -32.73
C LEU B 189 -18.64 11.54 -33.16
N ALA B 190 -17.50 11.58 -32.49
CA ALA B 190 -16.41 10.73 -32.83
C ALA B 190 -16.70 9.28 -32.43
N LEU B 191 -17.23 9.12 -31.22
CA LEU B 191 -17.49 7.84 -30.61
C LEU B 191 -18.46 7.04 -31.45
N TYR B 192 -19.56 7.70 -31.81
CA TYR B 192 -20.62 7.13 -32.61
C TYR B 192 -20.13 6.72 -34.02
N THR B 193 -19.52 7.64 -34.76
CA THR B 193 -18.86 7.31 -36.00
C THR B 193 -18.10 5.99 -35.89
N VAL B 194 -17.25 5.84 -34.87
CA VAL B 194 -16.25 4.81 -34.88
C VAL B 194 -16.79 3.51 -34.31
N THR B 195 -17.12 3.51 -33.02
CA THR B 195 -17.65 2.35 -32.31
C THR B 195 -19.18 2.28 -32.37
N GLY B 196 -19.81 3.33 -32.88
CA GLY B 196 -21.26 3.36 -32.93
C GLY B 196 -21.92 3.68 -31.61
N GLN B 197 -21.16 4.04 -30.57
CA GLN B 197 -21.78 4.24 -29.25
C GLN B 197 -22.02 5.72 -28.83
N SER B 198 -22.57 5.96 -27.64
CA SER B 198 -23.08 7.28 -27.25
C SER B 198 -22.38 8.03 -26.14
N TRP B 199 -22.70 9.32 -26.00
CA TRP B 199 -22.30 10.14 -24.86
C TRP B 199 -22.52 9.32 -23.61
N PRO B 200 -21.45 8.97 -22.90
CA PRO B 200 -21.61 8.06 -21.76
C PRO B 200 -22.26 8.72 -20.55
N GLU B 201 -23.02 7.89 -19.84
CA GLU B 201 -23.75 8.36 -18.68
C GLU B 201 -22.84 8.98 -17.63
N SER B 202 -21.57 8.54 -17.58
CA SER B 202 -20.63 9.14 -16.62
C SER B 202 -20.26 10.61 -16.90
N LEU B 203 -20.36 11.06 -18.16
CA LEU B 203 -20.11 12.46 -18.51
C LEU B 203 -21.36 13.34 -18.37
N ILE B 204 -22.53 12.70 -18.44
CA ILE B 204 -23.77 13.34 -18.07
C ILE B 204 -23.66 13.72 -16.59
N ARG B 205 -23.11 12.83 -15.79
CA ARG B 205 -22.87 13.10 -14.37
C ARG B 205 -21.81 14.17 -14.18
N LYS B 206 -20.74 14.09 -14.95
CA LYS B 206 -19.63 15.03 -14.82
C LYS B 206 -19.98 16.47 -15.22
N THR B 207 -20.69 16.60 -16.34
CA THR B 207 -20.81 17.86 -17.03
C THR B 207 -22.20 18.47 -16.93
N GLY B 208 -23.19 17.61 -16.69
CA GLY B 208 -24.59 18.03 -16.73
C GLY B 208 -25.16 18.16 -18.15
N TYR B 209 -24.36 17.84 -19.16
CA TYR B 209 -24.87 17.78 -20.53
C TYR B 209 -25.47 16.39 -20.89
N THR B 210 -26.61 16.41 -21.58
CA THR B 210 -27.20 15.20 -22.16
C THR B 210 -27.20 15.33 -23.67
N LEU B 211 -27.33 14.21 -24.37
CA LEU B 211 -27.56 14.26 -25.82
C LEU B 211 -28.47 15.39 -26.16
N GLU B 212 -29.58 15.49 -25.44
CA GLU B 212 -30.52 16.58 -25.66
C GLU B 212 -29.85 17.98 -25.62
N SER B 213 -29.04 18.25 -24.59
CA SER B 213 -28.51 19.60 -24.43
C SER B 213 -27.51 19.89 -25.56
N LEU B 214 -26.88 18.84 -26.08
CA LEU B 214 -25.86 18.95 -27.13
C LEU B 214 -26.44 18.98 -28.54
N LYS B 215 -27.68 18.51 -28.68
CA LYS B 215 -28.31 18.40 -30.01
C LYS B 215 -28.00 19.57 -30.96
N PRO B 216 -28.28 20.82 -30.52
CA PRO B 216 -28.06 21.96 -31.39
C PRO B 216 -26.63 22.07 -31.96
N CYS B 217 -25.62 21.97 -31.10
CA CYS B 217 -24.21 22.05 -31.52
C CYS B 217 -23.78 20.83 -32.32
N LEU B 218 -24.30 19.68 -31.90
CA LEU B 218 -24.18 18.47 -32.66
C LEU B 218 -24.81 18.57 -34.07
N MET B 219 -25.99 19.19 -34.17
CA MET B 219 -26.60 19.34 -35.50
C MET B 219 -25.65 20.09 -36.41
N ASP B 220 -25.07 21.18 -35.89
CA ASP B 220 -24.09 21.97 -36.61
C ASP B 220 -22.83 21.17 -36.86
N LEU B 221 -22.21 20.67 -35.80
CA LEU B 221 -21.03 19.84 -36.00
C LEU B 221 -21.23 18.75 -37.05
N HIS B 222 -22.38 18.06 -36.99
CA HIS B 222 -22.69 17.01 -37.99
C HIS B 222 -22.67 17.47 -39.44
N GLN B 223 -23.32 18.60 -39.73
CA GLN B 223 -23.21 19.22 -41.06
C GLN B 223 -21.77 19.57 -41.37
N THR B 224 -21.08 20.21 -40.42
CA THR B 224 -19.73 20.64 -40.74
C THR B 224 -18.90 19.44 -41.24
N TYR B 225 -19.04 18.32 -40.53
CA TYR B 225 -18.44 17.03 -40.88
C TYR B 225 -18.88 16.51 -42.29
N LEU B 226 -20.17 16.27 -42.50
CA LEU B 226 -20.60 15.88 -43.85
C LEU B 226 -19.98 16.72 -44.99
N LYS B 227 -19.89 18.03 -44.81
CA LYS B 227 -19.45 18.97 -45.86
C LYS B 227 -17.96 19.25 -45.83
N ALA B 228 -17.27 18.65 -44.88
CA ALA B 228 -15.85 18.88 -44.74
C ALA B 228 -15.12 18.84 -46.08
N PRO B 229 -15.25 17.73 -46.86
CA PRO B 229 -14.32 17.67 -47.99
C PRO B 229 -14.52 18.76 -49.07
N GLN B 230 -15.67 19.45 -49.04
CA GLN B 230 -15.96 20.56 -49.98
C GLN B 230 -15.68 21.99 -49.42
N HIS B 231 -15.26 22.09 -48.17
CA HIS B 231 -14.94 23.38 -47.54
C HIS B 231 -13.79 24.05 -48.26
N ALA B 232 -13.94 25.33 -48.53
CA ALA B 232 -12.83 26.16 -49.06
C ALA B 232 -11.51 26.00 -48.26
N GLN B 233 -11.60 25.72 -46.96
CA GLN B 233 -10.41 25.52 -46.13
C GLN B 233 -10.12 24.02 -45.87
N GLN B 234 -8.89 23.57 -46.13
CA GLN B 234 -8.61 22.13 -46.13
C GLN B 234 -7.40 21.77 -45.32
N SER B 235 -6.86 22.71 -44.55
CA SER B 235 -5.63 22.39 -43.79
C SER B 235 -5.78 21.38 -42.62
N ILE B 236 -6.91 21.41 -41.93
CA ILE B 236 -7.18 20.45 -40.85
C ILE B 236 -7.31 19.01 -41.39
N ARG B 237 -8.29 18.81 -42.27
CA ARG B 237 -8.40 17.60 -43.10
C ARG B 237 -7.04 17.02 -43.56
N GLU B 238 -6.21 17.81 -44.26
CA GLU B 238 -4.83 17.40 -44.63
C GLU B 238 -4.02 16.97 -43.39
N LYS B 239 -3.92 17.87 -42.40
CA LYS B 239 -3.26 17.58 -41.15
C LYS B 239 -3.71 16.22 -40.60
N TYR B 240 -5.03 16.00 -40.59
CA TYR B 240 -5.58 14.81 -39.99
C TYR B 240 -5.52 13.51 -40.84
N LYS B 241 -4.88 13.61 -42.00
CA LYS B 241 -4.53 12.43 -42.80
C LYS B 241 -3.29 11.73 -42.25
N ASN B 242 -2.47 12.43 -41.48
CA ASN B 242 -1.20 11.85 -41.11
C ASN B 242 -1.38 10.72 -40.13
N SER B 243 -0.50 9.74 -40.24
CA SER B 243 -0.42 8.65 -39.27
C SER B 243 -0.47 9.19 -37.85
N LYS B 244 0.18 10.33 -37.62
CA LYS B 244 0.16 10.95 -36.29
C LYS B 244 -1.24 11.00 -35.70
N TYR B 245 -2.24 11.15 -36.56
CA TYR B 245 -3.62 11.24 -36.07
C TYR B 245 -4.47 10.06 -36.48
N HIS B 246 -3.81 8.93 -36.79
CA HIS B 246 -4.52 7.71 -37.20
C HIS B 246 -5.39 7.95 -38.44
N GLY B 247 -4.88 8.78 -39.34
CA GLY B 247 -5.57 9.20 -40.55
C GLY B 247 -7.07 9.44 -40.44
N VAL B 248 -7.54 9.88 -39.26
CA VAL B 248 -8.98 9.95 -39.02
C VAL B 248 -9.77 10.76 -40.04
N SER B 249 -9.12 11.68 -40.78
CA SER B 249 -9.91 12.55 -41.69
C SER B 249 -10.38 11.79 -42.88
N LEU B 250 -9.91 10.57 -43.04
CA LEU B 250 -10.38 9.71 -44.14
C LEU B 250 -11.63 8.85 -43.87
N LEU B 251 -11.99 8.70 -42.58
CA LEU B 251 -13.15 7.94 -42.17
C LEU B 251 -14.40 8.57 -42.73
N ASN B 252 -15.47 7.79 -42.91
CA ASN B 252 -16.68 8.39 -43.43
C ASN B 252 -17.58 8.95 -42.34
N PRO B 253 -18.05 10.20 -42.53
CA PRO B 253 -19.03 10.72 -41.57
C PRO B 253 -20.28 9.81 -41.57
N PRO B 254 -20.95 9.64 -40.41
CA PRO B 254 -22.17 8.85 -40.45
C PRO B 254 -23.21 9.68 -41.17
N GLU B 255 -23.98 9.06 -42.06
CA GLU B 255 -25.00 9.78 -42.83
C GLU B 255 -26.19 10.28 -41.98
N THR B 256 -26.49 9.60 -40.86
CA THR B 256 -27.53 10.06 -39.90
C THR B 256 -27.11 9.94 -38.42
N LEU B 257 -27.75 10.73 -37.58
CA LEU B 257 -27.43 10.72 -36.15
C LEU B 257 -28.48 10.08 -35.23
N ASN B 258 -29.63 9.73 -35.77
CA ASN B 258 -30.75 9.17 -34.97
C ASN B 258 -30.89 9.91 -33.62
N LEU B 259 -31.36 11.16 -33.73
CA LEU B 259 -31.71 11.95 -32.55
C LEU B 259 -33.10 12.54 -32.77
N SER C 5 29.49 -28.04 22.85
CA SER C 5 29.50 -29.54 23.01
C SER C 5 28.78 -29.98 24.30
N MET C 6 28.78 -31.30 24.50
CA MET C 6 28.41 -31.87 25.79
C MET C 6 29.56 -31.83 26.81
N GLU C 7 30.74 -31.45 26.34
CA GLU C 7 31.94 -31.45 27.15
C GLU C 7 31.85 -30.53 28.38
N ASN C 8 30.92 -29.56 28.38
CA ASN C 8 30.74 -28.70 29.54
C ASN C 8 29.85 -29.29 30.62
N PHE C 9 29.25 -30.43 30.33
CA PHE C 9 28.29 -31.04 31.22
C PHE C 9 28.81 -32.27 31.94
N GLN C 10 28.53 -32.32 33.24
CA GLN C 10 28.99 -33.40 34.09
C GLN C 10 27.75 -34.07 34.64
N LYS C 11 27.59 -35.37 34.36
CA LYS C 11 26.42 -36.12 34.83
C LYS C 11 26.50 -36.32 36.31
N VAL C 12 25.42 -35.98 37.01
CA VAL C 12 25.28 -36.23 38.44
C VAL C 12 24.62 -37.61 38.60
N GLU C 13 23.32 -37.69 38.27
CA GLU C 13 22.58 -38.95 38.36
C GLU C 13 21.33 -38.97 37.47
N LYS C 14 20.86 -40.16 37.11
CA LYS C 14 19.56 -40.32 36.44
C LYS C 14 18.45 -39.96 37.42
N ILE C 15 17.48 -39.16 36.99
CA ILE C 15 16.38 -38.71 37.90
C ILE C 15 15.04 -39.38 37.58
N GLY C 16 14.76 -39.51 36.29
CA GLY C 16 13.52 -40.09 35.83
C GLY C 16 13.77 -40.86 34.57
N GLU C 17 12.67 -41.27 33.96
CA GLU C 17 12.65 -41.91 32.64
C GLU C 17 11.24 -41.67 32.13
N GLY C 18 11.14 -40.89 31.06
CA GLY C 18 9.85 -40.60 30.47
C GLY C 18 9.82 -41.18 29.08
N THR C 19 8.96 -40.58 28.25
CA THR C 19 8.73 -41.01 26.87
C THR C 19 10.00 -41.47 26.14
N TYR C 20 10.95 -40.55 25.90
CA TYR C 20 12.03 -40.81 24.91
C TYR C 20 13.47 -40.71 25.40
N GLY C 21 13.73 -41.33 26.54
CA GLY C 21 15.09 -41.56 26.99
C GLY C 21 15.17 -41.83 28.48
N VAL C 22 16.38 -41.66 29.01
CA VAL C 22 16.58 -41.39 30.42
C VAL C 22 16.81 -39.86 30.53
N VAL C 23 16.48 -39.31 31.71
CA VAL C 23 16.64 -37.89 31.98
C VAL C 23 17.68 -37.82 33.10
N TYR C 24 18.76 -37.10 32.85
CA TYR C 24 19.85 -36.98 33.80
C TYR C 24 19.79 -35.65 34.48
N LYS C 25 20.43 -35.56 35.64
CA LYS C 25 20.72 -34.31 36.29
C LYS C 25 22.20 -34.08 36.03
N ALA C 26 22.55 -32.86 35.63
CA ALA C 26 23.92 -32.61 35.23
C ALA C 26 24.29 -31.21 35.67
N ARG C 27 25.60 -30.95 35.73
CA ARG C 27 26.16 -29.67 36.10
C ARG C 27 26.94 -29.09 34.94
N ASN C 28 26.68 -27.81 34.65
CA ASN C 28 27.56 -26.98 33.83
C ASN C 28 28.81 -26.73 34.64
N LYS C 29 29.94 -27.23 34.15
CA LYS C 29 31.19 -27.10 34.87
C LYS C 29 31.66 -25.66 34.96
N LEU C 30 31.24 -24.84 33.99
CA LEU C 30 31.76 -23.49 33.90
C LEU C 30 30.85 -22.50 34.61
N THR C 31 29.54 -22.72 34.60
CA THR C 31 28.67 -21.77 35.26
C THR C 31 28.24 -22.28 36.63
N GLY C 32 28.31 -23.60 36.81
CA GLY C 32 27.88 -24.26 38.03
C GLY C 32 26.39 -24.55 38.04
N GLU C 33 25.71 -24.30 36.92
CA GLU C 33 24.27 -24.40 36.84
C GLU C 33 23.83 -25.85 36.91
N VAL C 34 22.79 -26.12 37.69
CA VAL C 34 22.24 -27.47 37.65
C VAL C 34 21.10 -27.59 36.63
N VAL C 35 21.29 -28.51 35.68
CA VAL C 35 20.32 -28.76 34.59
C VAL C 35 19.80 -30.21 34.56
N ALA C 36 18.60 -30.39 34.02
CA ALA C 36 18.13 -31.74 33.69
C ALA C 36 18.32 -31.90 32.20
N LEU C 37 19.02 -32.96 31.80
CA LEU C 37 19.22 -33.30 30.39
C LEU C 37 18.26 -34.37 29.98
N LYS C 38 17.70 -34.22 28.78
CA LYS C 38 16.91 -35.28 28.21
C LYS C 38 17.62 -35.67 26.93
N LYS C 39 18.15 -36.89 26.92
CA LYS C 39 18.91 -37.39 25.77
C LYS C 39 17.96 -38.12 24.84
N ILE C 40 17.90 -37.69 23.58
CA ILE C 40 17.08 -38.35 22.57
C ILE C 40 17.95 -38.89 21.43
N ARG C 41 18.00 -40.21 21.31
CA ARG C 41 18.75 -40.89 20.25
C ARG C 41 17.94 -40.89 18.96
N LEU C 42 18.62 -40.55 17.88
CA LEU C 42 18.00 -40.42 16.57
C LEU C 42 18.19 -41.73 15.76
N ASP C 43 17.13 -42.35 15.22
CA ASP C 43 17.47 -43.39 14.24
C ASP C 43 17.73 -42.76 12.92
N THR C 44 18.99 -42.53 12.68
CA THR C 44 19.44 -41.91 11.46
C THR C 44 19.35 -42.83 10.22
N GLU C 45 18.59 -43.94 10.30
CA GLU C 45 18.37 -44.73 9.08
C GLU C 45 17.26 -45.79 8.99
N THR C 46 16.15 -45.75 9.72
CA THR C 46 15.32 -44.60 10.02
C THR C 46 14.49 -45.04 11.23
N GLU C 47 13.75 -44.13 11.92
CA GLU C 47 12.89 -43.09 11.37
C GLU C 47 13.20 -41.59 11.60
N GLY C 48 14.46 -41.25 11.84
CA GLY C 48 14.91 -39.85 12.00
C GLY C 48 14.49 -39.26 13.35
N VAL C 49 14.44 -37.93 13.43
CA VAL C 49 14.08 -37.25 14.66
C VAL C 49 12.65 -37.59 14.96
N PRO C 50 12.37 -38.15 16.15
CA PRO C 50 11.00 -38.52 16.51
C PRO C 50 10.08 -37.34 16.65
N SER C 51 8.85 -37.52 16.16
CA SER C 51 7.81 -36.53 16.22
C SER C 51 7.54 -36.00 17.64
N THR C 52 7.69 -36.83 18.67
CA THR C 52 7.41 -36.29 20.01
C THR C 52 8.44 -35.23 20.39
N ALA C 53 9.69 -35.43 19.98
CA ALA C 53 10.76 -34.47 20.28
C ALA C 53 10.53 -33.19 19.48
N ILE C 54 10.24 -33.36 18.20
CA ILE C 54 9.87 -32.23 17.34
C ILE C 54 8.77 -31.34 17.97
N ARG C 55 7.69 -31.97 18.41
CA ARG C 55 6.61 -31.24 19.09
C ARG C 55 7.04 -30.59 20.41
N GLU C 56 7.79 -31.32 21.22
CA GLU C 56 8.17 -30.82 22.52
C GLU C 56 9.02 -29.57 22.39
N ILE C 57 10.04 -29.66 21.54
CA ILE C 57 10.95 -28.59 21.29
C ILE C 57 10.27 -27.41 20.60
N SER C 58 9.49 -27.67 19.56
CA SER C 58 8.92 -26.58 18.78
C SER C 58 7.88 -25.81 19.57
N LEU C 59 7.26 -26.51 20.51
CA LEU C 59 6.17 -25.95 21.29
C LEU C 59 6.64 -25.29 22.56
N LEU C 60 7.58 -25.92 23.24
CA LEU C 60 8.14 -25.43 24.48
C LEU C 60 8.98 -24.17 24.22
N LYS C 61 9.50 -24.04 23.00
CA LYS C 61 10.20 -22.82 22.56
C LYS C 61 9.24 -21.63 22.46
N GLU C 62 7.97 -21.90 22.18
CA GLU C 62 7.00 -20.83 22.20
C GLU C 62 6.52 -20.47 23.59
N LEU C 63 6.52 -21.43 24.50
CA LEU C 63 5.85 -21.24 25.79
C LEU C 63 6.82 -20.75 26.85
N ASN C 64 6.89 -19.43 27.06
CA ASN C 64 7.77 -18.95 28.11
C ASN C 64 7.02 -18.26 29.25
N HIS C 65 7.10 -18.88 30.43
CA HIS C 65 6.23 -18.58 31.54
C HIS C 65 6.84 -19.17 32.83
N PRO C 66 6.63 -18.49 33.98
CA PRO C 66 7.26 -18.96 35.23
C PRO C 66 6.71 -20.30 35.77
N ASN C 67 5.52 -20.71 35.30
CA ASN C 67 4.88 -21.98 35.70
C ASN C 67 5.03 -23.11 34.68
N ILE C 68 5.95 -22.90 33.72
CA ILE C 68 6.27 -23.92 32.72
C ILE C 68 7.77 -24.12 32.68
N VAL C 69 8.24 -25.38 32.68
CA VAL C 69 9.69 -25.64 32.60
C VAL C 69 10.32 -24.91 31.44
N LYS C 70 11.53 -24.44 31.70
CA LYS C 70 12.29 -23.74 30.72
C LYS C 70 13.16 -24.70 29.97
N LEU C 71 12.97 -24.74 28.67
CA LEU C 71 13.95 -25.38 27.79
C LEU C 71 15.08 -24.38 27.57
N LEU C 72 16.29 -24.72 27.99
CA LEU C 72 17.38 -23.75 28.05
C LEU C 72 18.26 -23.83 26.84
N ASP C 73 18.31 -25.02 26.21
CA ASP C 73 19.15 -25.25 25.04
C ASP C 73 18.77 -26.55 24.31
N VAL C 74 19.19 -26.66 23.05
CA VAL C 74 19.03 -27.91 22.35
C VAL C 74 20.35 -28.14 21.70
N ILE C 75 20.95 -29.29 21.99
CA ILE C 75 22.29 -29.61 21.51
C ILE C 75 22.17 -30.75 20.49
N HIS C 76 22.80 -30.53 19.33
CA HIS C 76 22.71 -31.40 18.14
C HIS C 76 23.93 -32.30 17.93
N THR C 77 23.70 -33.58 17.71
CA THR C 77 24.78 -34.43 17.19
C THR C 77 24.19 -35.09 15.95
N GLU C 78 25.03 -35.77 15.17
CA GLU C 78 24.54 -36.58 14.04
C GLU C 78 23.67 -37.67 14.59
N ASN C 79 24.06 -38.20 15.74
CA ASN C 79 23.34 -39.32 16.31
C ASN C 79 22.51 -39.06 17.56
N LYS C 80 22.81 -38.02 18.34
CA LYS C 80 22.03 -37.74 19.55
C LYS C 80 21.40 -36.37 19.55
N LEU C 81 20.41 -36.16 20.41
CA LEU C 81 19.83 -34.86 20.60
C LEU C 81 19.65 -34.59 22.09
N TYR C 82 20.38 -33.62 22.63
CA TYR C 82 20.15 -33.32 24.04
C TYR C 82 19.28 -32.08 24.20
N LEU C 83 18.21 -32.23 24.97
CA LEU C 83 17.47 -31.09 25.35
C LEU C 83 17.91 -30.71 26.74
N VAL C 84 18.32 -29.47 26.90
CA VAL C 84 18.84 -28.97 28.15
C VAL C 84 17.74 -28.14 28.81
N PHE C 85 17.19 -28.67 29.90
CA PHE C 85 16.13 -28.02 30.68
C PHE C 85 16.70 -27.55 32.00
N GLU C 86 16.09 -26.52 32.58
CA GLU C 86 16.40 -26.17 33.97
C GLU C 86 15.98 -27.33 34.86
N PHE C 87 16.58 -27.41 36.02
CA PHE C 87 16.33 -28.48 36.93
C PHE C 87 15.53 -28.02 38.12
N LEU C 88 14.39 -28.68 38.36
CA LEU C 88 13.61 -28.49 39.58
C LEU C 88 13.89 -29.50 40.65
N HIS C 89 13.82 -29.08 41.92
CA HIS C 89 14.14 -29.99 43.04
C HIS C 89 13.42 -31.35 42.94
N GLN C 90 12.15 -31.35 42.56
CA GLN C 90 11.44 -32.60 42.32
C GLN C 90 9.99 -32.47 41.91
N ASP C 91 9.38 -33.63 41.64
CA ASP C 91 8.04 -33.73 41.08
C ASP C 91 6.96 -33.86 42.14
N LEU C 92 5.73 -33.50 41.77
CA LEU C 92 4.59 -33.48 42.72
C LEU C 92 4.26 -34.85 43.32
N LYS C 93 4.24 -35.89 42.47
CA LYS C 93 3.97 -37.23 42.94
C LYS C 93 4.95 -37.63 43.99
N LYS C 94 6.22 -37.32 43.76
CA LYS C 94 7.25 -37.75 44.70
C LYS C 94 7.02 -37.07 46.03
N PHE C 95 6.43 -35.86 45.97
CA PHE C 95 6.14 -35.04 47.13
C PHE C 95 4.97 -35.63 47.89
N MET C 96 3.86 -35.80 47.16
CA MET C 96 2.65 -36.47 47.60
C MET C 96 2.95 -37.71 48.45
N ASP C 97 3.79 -38.61 47.93
CA ASP C 97 4.19 -39.77 48.71
C ASP C 97 4.85 -39.37 49.99
N ALA C 98 5.81 -38.44 49.90
CA ALA C 98 6.58 -38.08 51.09
C ALA C 98 5.67 -37.42 52.11
N SER C 99 4.41 -37.24 51.71
CA SER C 99 3.44 -36.50 52.51
C SER C 99 2.18 -37.30 52.84
N ALA C 100 2.21 -38.61 52.60
CA ALA C 100 1.04 -39.48 52.81
C ALA C 100 0.60 -39.45 54.28
N LEU C 101 1.58 -39.43 55.16
CA LEU C 101 1.28 -39.46 56.57
C LEU C 101 1.02 -38.05 57.05
N THR C 102 2.12 -37.31 57.22
CA THR C 102 2.12 -35.87 57.52
C THR C 102 0.96 -35.05 56.92
N GLY C 103 0.64 -35.26 55.63
CA GLY C 103 -0.38 -34.45 54.94
C GLY C 103 0.17 -33.20 54.25
N ILE C 104 -0.61 -32.62 53.34
CA ILE C 104 -0.20 -31.39 52.63
C ILE C 104 -1.00 -30.13 53.02
N PRO C 105 -0.32 -29.15 53.67
CA PRO C 105 -0.99 -27.93 54.12
C PRO C 105 -1.82 -27.34 52.99
N LEU C 106 -3.03 -26.86 53.30
CA LEU C 106 -3.98 -26.39 52.28
C LEU C 106 -3.62 -25.09 51.55
N PRO C 107 -3.19 -24.04 52.28
CA PRO C 107 -2.83 -22.85 51.52
C PRO C 107 -1.86 -23.16 50.35
N LEU C 108 -0.96 -24.13 50.56
CA LEU C 108 -0.11 -24.72 49.49
C LEU C 108 -0.94 -25.33 48.34
N ILE C 109 -1.79 -26.30 48.64
CA ILE C 109 -2.61 -26.91 47.61
C ILE C 109 -3.20 -25.80 46.74
N LYS C 110 -3.60 -24.72 47.40
CA LYS C 110 -4.22 -23.56 46.75
C LYS C 110 -3.22 -22.80 45.86
N SER C 111 -2.01 -22.65 46.35
CA SER C 111 -0.96 -21.98 45.60
C SER C 111 -0.73 -22.78 44.32
N TYR C 112 -0.39 -24.06 44.50
CA TYR C 112 -0.17 -25.00 43.41
C TYR C 112 -1.32 -24.98 42.42
N LEU C 113 -2.51 -25.30 42.87
CA LEU C 113 -3.63 -25.37 41.96
C LEU C 113 -3.73 -24.10 41.16
N PHE C 114 -3.20 -23.01 41.73
CA PHE C 114 -3.35 -21.66 41.18
C PHE C 114 -2.34 -21.44 40.06
N GLN C 115 -1.08 -21.67 40.40
CA GLN C 115 0.00 -21.54 39.48
C GLN C 115 -0.20 -22.53 38.33
N LEU C 116 -0.79 -23.69 38.61
CA LEU C 116 -0.94 -24.71 37.59
C LEU C 116 -1.90 -24.18 36.59
N LEU C 117 -2.91 -23.48 37.08
CA LEU C 117 -3.92 -22.96 36.19
C LEU C 117 -3.33 -21.81 35.38
N GLN C 118 -2.27 -21.20 35.90
CA GLN C 118 -1.61 -20.08 35.22
C GLN C 118 -0.81 -20.56 34.01
N GLY C 119 0.00 -21.59 34.25
CA GLY C 119 0.70 -22.32 33.20
C GLY C 119 -0.25 -22.83 32.13
N LEU C 120 -1.40 -23.32 32.54
CA LEU C 120 -2.31 -23.96 31.60
C LEU C 120 -3.11 -22.98 30.75
N ALA C 121 -3.47 -21.83 31.33
CA ALA C 121 -4.11 -20.77 30.56
C ALA C 121 -3.09 -20.29 29.53
N PHE C 122 -1.87 -20.04 29.99
CA PHE C 122 -0.81 -19.69 29.07
C PHE C 122 -0.68 -20.73 27.96
N CYS C 123 -0.75 -22.03 28.31
CA CYS C 123 -0.71 -23.07 27.27
C CYS C 123 -1.92 -22.92 26.39
N HIS C 124 -3.10 -22.83 26.99
CA HIS C 124 -4.31 -22.84 26.20
C HIS C 124 -4.41 -21.63 25.28
N SER C 125 -4.05 -20.46 25.82
CA SER C 125 -4.08 -19.18 25.11
C SER C 125 -3.08 -19.18 23.95
N HIS C 126 -2.19 -20.18 23.93
CA HIS C 126 -1.17 -20.27 22.89
C HIS C 126 -1.36 -21.46 21.96
N ARG C 127 -2.59 -21.96 21.96
CA ARG C 127 -3.05 -23.05 21.12
C ARG C 127 -2.20 -24.30 21.28
N VAL C 128 -1.98 -24.67 22.54
CA VAL C 128 -1.18 -25.85 22.90
C VAL C 128 -1.80 -26.70 24.02
N LEU C 129 -2.34 -27.86 23.65
CA LEU C 129 -2.82 -28.84 24.61
C LEU C 129 -1.63 -29.58 25.22
N HIS C 130 -1.62 -29.76 26.54
CA HIS C 130 -0.55 -30.56 27.17
C HIS C 130 -0.81 -32.05 26.97
N ARG C 131 -2.05 -32.46 27.26
CA ARG C 131 -2.52 -33.83 27.07
C ARG C 131 -1.80 -34.93 27.86
N ASP C 132 -0.99 -34.57 28.85
CA ASP C 132 -0.47 -35.60 29.75
C ASP C 132 -0.16 -35.08 31.15
N LEU C 133 -1.12 -34.35 31.73
CA LEU C 133 -0.99 -33.82 33.11
C LEU C 133 -1.13 -34.84 34.28
N LYS C 134 -0.06 -35.07 35.03
CA LYS C 134 -0.09 -35.95 36.18
C LYS C 134 1.02 -35.57 37.13
N PRO C 135 0.86 -35.90 38.43
CA PRO C 135 1.82 -35.32 39.37
C PRO C 135 3.30 -35.57 39.03
N GLN C 136 3.62 -36.70 38.41
CA GLN C 136 5.00 -36.96 37.94
C GLN C 136 5.49 -35.96 36.88
N ASN C 137 4.56 -35.38 36.13
CA ASN C 137 4.90 -34.40 35.13
C ASN C 137 4.84 -32.95 35.70
N LEU C 138 4.82 -32.84 37.02
CA LEU C 138 4.66 -31.56 37.69
C LEU C 138 5.80 -31.31 38.64
N LEU C 139 6.55 -30.25 38.37
CA LEU C 139 7.78 -30.00 39.10
C LEU C 139 7.61 -28.80 40.03
N ILE C 140 8.21 -28.91 41.20
CA ILE C 140 8.03 -27.97 42.28
C ILE C 140 9.42 -27.64 42.82
N ASN C 141 9.63 -26.39 43.25
CA ASN C 141 10.90 -26.05 43.94
C ASN C 141 10.74 -25.69 45.41
N THR C 142 11.85 -25.38 46.06
CA THR C 142 11.86 -25.14 47.51
C THR C 142 11.26 -23.79 47.92
N GLU C 143 10.82 -23.02 46.92
CA GLU C 143 10.34 -21.65 47.14
C GLU C 143 8.89 -21.47 46.78
N GLY C 144 8.19 -22.58 46.56
CA GLY C 144 6.72 -22.55 46.40
C GLY C 144 6.17 -22.51 45.00
N ALA C 145 7.09 -22.52 44.03
CA ALA C 145 6.73 -22.63 42.61
C ALA C 145 6.39 -24.09 42.19
N ILE C 146 5.38 -24.23 41.35
CA ILE C 146 5.12 -25.48 40.63
C ILE C 146 5.02 -25.21 39.10
N LYS C 147 5.57 -26.12 38.31
CA LYS C 147 5.75 -25.92 36.88
C LYS C 147 5.28 -27.09 36.03
N LEU C 148 4.59 -26.80 34.93
CA LEU C 148 4.12 -27.83 34.00
C LEU C 148 5.29 -28.42 33.23
N ALA C 149 5.55 -29.72 33.35
CA ALA C 149 6.56 -30.38 32.50
C ALA C 149 6.11 -31.56 31.61
N ASP C 150 7.10 -32.12 30.90
CA ASP C 150 6.96 -33.17 29.88
C ASP C 150 5.93 -32.89 28.78
N PHE C 151 6.32 -32.07 27.80
CA PHE C 151 5.40 -31.73 26.71
C PHE C 151 5.52 -32.71 25.57
N GLY C 152 6.20 -33.83 25.84
CA GLY C 152 6.42 -34.84 24.84
C GLY C 152 5.16 -35.38 24.16
N LEU C 153 4.00 -35.13 24.76
CA LEU C 153 2.74 -35.64 24.27
C LEU C 153 1.80 -34.49 23.86
N ALA C 154 2.29 -33.25 23.94
CA ALA C 154 1.52 -32.06 23.62
C ALA C 154 1.20 -31.84 22.13
N ARG C 155 0.35 -30.85 21.85
CA ARG C 155 0.00 -30.58 20.46
C ARG C 155 -0.50 -29.17 20.17
N ALA C 156 -0.07 -28.62 19.04
CA ALA C 156 -0.63 -27.36 18.54
C ALA C 156 -1.96 -27.65 17.93
N PHE C 157 -3.01 -27.11 18.55
CA PHE C 157 -4.38 -27.30 18.09
C PHE C 157 -4.90 -26.11 17.28
N GLY C 158 -5.88 -26.40 16.41
CA GLY C 158 -6.51 -25.40 15.56
C GLY C 158 -7.86 -25.01 16.16
N VAL C 159 -8.38 -23.85 15.75
CA VAL C 159 -9.70 -23.41 16.19
C VAL C 159 -10.58 -23.28 14.97
N PRO C 160 -11.60 -24.14 14.85
CA PRO C 160 -11.96 -25.16 15.82
C PRO C 160 -11.10 -26.42 15.74
N VAL C 161 -11.02 -27.17 16.83
CA VAL C 161 -10.22 -28.39 16.87
C VAL C 161 -10.78 -29.37 15.84
N ARG C 162 -9.94 -30.30 15.39
CA ARG C 162 -10.44 -31.52 14.71
C ARG C 162 -10.16 -32.78 15.53
N THR C 163 -10.18 -33.94 14.90
CA THR C 163 -9.91 -35.17 15.62
C THR C 163 -8.41 -35.32 15.79
N TYR C 164 -8.02 -35.74 16.99
CA TYR C 164 -6.61 -36.03 17.27
C TYR C 164 -6.40 -37.45 17.81
N HIS C 166 -6.28 -40.64 19.74
CA HIS C 166 -7.03 -41.16 20.89
C HIS C 166 -6.14 -41.61 22.08
N GLU C 167 -5.01 -42.26 21.76
CA GLU C 167 -4.02 -42.76 22.73
C GLU C 167 -3.32 -41.59 23.48
N VAL C 168 -4.02 -41.00 24.43
CA VAL C 168 -3.52 -39.79 25.08
C VAL C 168 -4.01 -39.65 26.55
N VAL C 169 -3.11 -39.15 27.41
CA VAL C 169 -3.36 -39.01 28.87
C VAL C 169 -3.38 -40.37 29.59
N THR C 170 -2.63 -40.44 30.68
CA THR C 170 -2.60 -41.60 31.60
C THR C 170 -4.01 -41.93 32.15
N LEU C 171 -4.44 -43.16 31.96
CA LEU C 171 -5.76 -43.62 32.43
C LEU C 171 -6.38 -42.78 33.55
N TRP C 172 -5.82 -42.87 34.74
CA TRP C 172 -6.37 -42.22 35.94
C TRP C 172 -6.82 -40.79 35.68
N TYR C 173 -6.18 -40.14 34.70
CA TYR C 173 -6.37 -38.70 34.49
C TYR C 173 -7.14 -38.39 33.21
N ARG C 174 -7.60 -39.43 32.54
CA ARG C 174 -8.29 -39.28 31.29
C ARG C 174 -9.67 -38.78 31.54
N ALA C 175 -10.02 -37.72 30.81
CA ALA C 175 -11.34 -37.09 30.83
C ALA C 175 -12.33 -37.99 30.11
N PRO C 176 -13.54 -38.15 30.68
CA PRO C 176 -14.59 -39.01 30.13
C PRO C 176 -14.72 -38.98 28.61
N GLU C 177 -14.81 -37.79 28.00
CA GLU C 177 -15.01 -37.71 26.54
C GLU C 177 -13.90 -38.39 25.72
N ILE C 178 -12.76 -38.66 26.36
CA ILE C 178 -11.70 -39.44 25.75
C ILE C 178 -11.97 -40.93 25.93
N LEU C 179 -12.32 -41.32 27.16
CA LEU C 179 -12.61 -42.71 27.54
C LEU C 179 -13.67 -43.35 26.68
N LEU C 180 -14.59 -42.53 26.19
CA LEU C 180 -15.67 -43.00 25.32
C LEU C 180 -15.45 -42.56 23.89
N GLY C 181 -14.31 -41.93 23.64
CA GLY C 181 -13.84 -41.63 22.29
C GLY C 181 -14.79 -40.86 21.39
N CYS C 182 -15.38 -39.77 21.91
CA CYS C 182 -16.09 -38.83 21.06
C CYS C 182 -15.16 -38.29 20.00
N LYS C 183 -15.68 -38.12 18.80
CA LYS C 183 -14.98 -37.45 17.69
C LYS C 183 -13.91 -36.44 18.15
N TYR C 184 -14.33 -35.39 18.86
CA TYR C 184 -13.42 -34.29 19.19
C TYR C 184 -13.05 -34.22 20.66
N TYR C 185 -11.94 -33.54 20.96
CA TYR C 185 -11.63 -33.13 22.34
C TYR C 185 -10.76 -31.88 22.35
N SER C 186 -10.63 -31.26 23.53
CA SER C 186 -10.00 -29.95 23.61
C SER C 186 -9.37 -29.62 24.95
N THR C 187 -9.38 -28.33 25.26
CA THR C 187 -8.78 -27.74 26.46
C THR C 187 -9.37 -28.31 27.74
N ALA C 188 -10.58 -28.83 27.62
CA ALA C 188 -11.30 -29.33 28.77
C ALA C 188 -10.56 -30.52 29.35
N VAL C 189 -9.98 -31.34 28.46
CA VAL C 189 -9.29 -32.57 28.88
C VAL C 189 -8.14 -32.23 29.80
N ASP C 190 -7.50 -31.07 29.57
CA ASP C 190 -6.45 -30.63 30.48
C ASP C 190 -7.06 -30.17 31.79
N ILE C 191 -8.26 -29.62 31.74
CA ILE C 191 -8.87 -29.17 32.99
C ILE C 191 -9.20 -30.40 33.86
N TRP C 192 -9.95 -31.33 33.30
CA TRP C 192 -10.28 -32.59 33.96
C TRP C 192 -9.08 -33.12 34.72
N SER C 193 -7.98 -33.30 33.99
CA SER C 193 -6.78 -33.76 34.60
C SER C 193 -6.40 -32.96 35.87
N LEU C 194 -6.31 -31.63 35.73
CA LEU C 194 -6.07 -30.75 36.88
C LEU C 194 -7.16 -30.91 37.96
N GLY C 195 -8.38 -31.26 37.52
CA GLY C 195 -9.44 -31.68 38.45
C GLY C 195 -8.96 -32.84 39.32
N CYS C 196 -8.69 -33.97 38.66
CA CYS C 196 -8.28 -35.17 39.36
C CYS C 196 -7.10 -34.88 40.30
N ILE C 197 -6.23 -33.98 39.87
CA ILE C 197 -5.01 -33.65 40.58
C ILE C 197 -5.32 -32.69 41.75
N PHE C 198 -6.36 -31.89 41.60
CA PHE C 198 -6.80 -31.01 42.68
C PHE C 198 -7.21 -31.88 43.87
N ALA C 199 -8.16 -32.78 43.62
CA ALA C 199 -8.65 -33.75 44.59
C ALA C 199 -7.52 -34.55 45.21
N GLU C 200 -6.63 -35.07 44.36
CA GLU C 200 -5.57 -35.93 44.80
C GLU C 200 -4.67 -35.20 45.80
N MET C 201 -4.47 -33.90 45.58
CA MET C 201 -3.63 -33.13 46.50
C MET C 201 -4.29 -33.10 47.87
N VAL C 202 -5.60 -32.86 47.88
CA VAL C 202 -6.33 -32.79 49.13
C VAL C 202 -6.42 -34.16 49.81
N THR C 203 -6.83 -35.20 49.08
CA THR C 203 -7.15 -36.51 49.69
C THR C 203 -5.97 -37.50 49.75
N ARG C 204 -4.85 -37.12 49.17
CA ARG C 204 -3.61 -37.91 49.24
C ARG C 204 -3.62 -39.16 48.33
N ARG C 205 -4.81 -39.54 47.85
CA ARG C 205 -4.92 -40.70 46.98
C ARG C 205 -5.60 -40.28 45.67
N ALA C 206 -5.18 -40.92 44.58
CA ALA C 206 -5.77 -40.65 43.29
C ALA C 206 -7.29 -40.69 43.41
N LEU C 207 -7.93 -39.67 42.87
CA LEU C 207 -9.37 -39.63 42.83
C LEU C 207 -10.00 -40.85 42.12
N PHE C 208 -9.51 -41.22 40.93
CA PHE C 208 -10.06 -42.35 40.16
C PHE C 208 -9.02 -43.39 39.70
N PRO C 209 -8.41 -44.15 40.64
CA PRO C 209 -7.27 -44.99 40.23
C PRO C 209 -7.65 -46.31 39.56
N GLY C 210 -8.41 -46.23 38.46
CA GLY C 210 -8.79 -47.42 37.70
C GLY C 210 -7.68 -48.27 37.10
N ASP C 211 -8.00 -49.55 36.85
CA ASP C 211 -7.06 -50.47 36.22
C ASP C 211 -7.60 -51.10 34.93
N SER C 212 -8.59 -50.45 34.33
CA SER C 212 -9.07 -50.74 32.96
C SER C 212 -9.97 -49.60 32.52
N GLU C 213 -10.26 -49.51 31.21
CA GLU C 213 -11.13 -48.43 30.71
C GLU C 213 -12.48 -48.44 31.44
N ILE C 214 -13.24 -49.53 31.26
CA ILE C 214 -14.44 -49.86 32.04
C ILE C 214 -14.36 -49.34 33.49
N ASP C 215 -13.35 -49.82 34.22
CA ASP C 215 -13.24 -49.56 35.65
C ASP C 215 -13.13 -48.07 35.91
N GLN C 216 -12.33 -47.41 35.08
CA GLN C 216 -12.24 -45.96 35.09
C GLN C 216 -13.64 -45.35 34.97
N LEU C 217 -14.37 -45.65 33.89
CA LEU C 217 -15.73 -45.13 33.77
C LEU C 217 -16.56 -45.36 35.03
N PHE C 218 -16.66 -46.62 35.44
CA PHE C 218 -17.44 -46.99 36.63
C PHE C 218 -17.03 -46.21 37.88
N ARG C 219 -15.75 -45.86 37.97
CA ARG C 219 -15.28 -45.09 39.13
C ARG C 219 -15.68 -43.60 39.04
N ILE C 220 -15.91 -43.12 37.82
CA ILE C 220 -16.33 -41.74 37.61
C ILE C 220 -17.78 -41.66 38.02
N PHE C 221 -18.61 -42.42 37.31
CA PHE C 221 -20.05 -42.55 37.60
C PHE C 221 -20.37 -42.68 39.08
N ARG C 222 -19.79 -43.70 39.73
CA ARG C 222 -19.88 -43.90 41.19
C ARG C 222 -19.68 -42.60 41.99
N THR C 223 -18.45 -42.05 42.04
CA THR C 223 -18.22 -40.84 42.83
C THR C 223 -18.51 -39.51 42.12
N LEU C 224 -19.27 -39.56 41.02
CA LEU C 224 -20.01 -38.38 40.50
C LEU C 224 -21.46 -38.74 40.14
N LYS C 255 -18.61 -34.90 51.04
CA LYS C 255 -17.89 -36.16 51.18
C LYS C 255 -17.08 -36.52 49.93
N VAL C 256 -17.41 -35.85 48.83
CA VAL C 256 -16.69 -36.03 47.55
C VAL C 256 -15.19 -35.82 47.73
N VAL C 257 -14.83 -35.03 48.75
CA VAL C 257 -13.44 -34.68 49.11
C VAL C 257 -13.40 -34.18 50.56
N PRO C 258 -12.79 -34.97 51.48
CA PRO C 258 -12.96 -34.73 52.93
C PRO C 258 -12.58 -33.32 53.45
N PRO C 259 -11.27 -33.03 53.69
CA PRO C 259 -10.97 -31.81 54.46
C PRO C 259 -11.10 -30.50 53.65
N LEU C 260 -11.75 -30.59 52.50
CA LEU C 260 -11.92 -29.45 51.61
C LEU C 260 -13.08 -28.57 52.09
N ASP C 261 -12.82 -27.27 52.13
CA ASP C 261 -13.86 -26.27 52.42
C ASP C 261 -14.99 -26.27 51.37
N GLU C 262 -15.96 -25.37 51.53
CA GLU C 262 -17.08 -25.25 50.58
C GLU C 262 -16.64 -24.77 49.21
N ASP C 263 -15.88 -23.67 49.19
CA ASP C 263 -15.38 -23.07 47.95
C ASP C 263 -14.71 -24.10 47.05
N GLY C 264 -13.83 -24.90 47.64
CA GLY C 264 -13.15 -25.99 46.95
C GLY C 264 -14.12 -26.83 46.14
N ARG C 265 -15.17 -27.33 46.79
CA ARG C 265 -16.13 -28.19 46.12
C ARG C 265 -16.74 -27.52 44.90
N SER C 266 -17.06 -26.24 45.01
CA SER C 266 -17.65 -25.51 43.89
C SER C 266 -16.77 -25.55 42.63
N LEU C 267 -15.46 -25.36 42.83
CA LEU C 267 -14.49 -25.26 41.73
C LEU C 267 -14.12 -26.62 41.10
N LEU C 268 -13.73 -27.58 41.94
CA LEU C 268 -13.48 -28.97 41.56
C LEU C 268 -14.60 -29.57 40.72
N SER C 269 -15.84 -29.25 41.07
CA SER C 269 -17.01 -29.74 40.37
C SER C 269 -17.17 -29.06 39.02
N GLN C 270 -16.76 -27.79 38.97
CA GLN C 270 -16.77 -27.05 37.72
C GLN C 270 -15.67 -27.61 36.82
N MET C 271 -14.54 -27.94 37.44
CA MET C 271 -13.42 -28.57 36.75
C MET C 271 -13.72 -29.99 36.36
N LEU C 272 -14.59 -30.67 37.10
CA LEU C 272 -14.92 -32.08 36.80
C LEU C 272 -16.29 -32.30 36.16
N HIS C 273 -16.76 -31.34 35.37
CA HIS C 273 -18.08 -31.47 34.76
C HIS C 273 -18.10 -32.52 33.65
N TYR C 274 -19.20 -33.27 33.55
CA TYR C 274 -19.33 -34.29 32.50
C TYR C 274 -19.27 -33.67 31.11
N ASP C 275 -19.98 -32.56 30.92
CA ASP C 275 -20.00 -31.90 29.63
C ASP C 275 -18.78 -31.03 29.52
N PRO C 276 -17.93 -31.29 28.51
CA PRO C 276 -16.74 -30.48 28.17
C PRO C 276 -17.02 -28.97 28.11
N ASN C 277 -18.11 -28.58 27.46
CA ASN C 277 -18.42 -27.16 27.29
C ASN C 277 -18.77 -26.50 28.60
N LYS C 278 -19.66 -27.12 29.36
CA LYS C 278 -20.04 -26.64 30.69
C LYS C 278 -18.91 -26.80 31.74
N ARG C 279 -17.85 -27.55 31.39
CA ARG C 279 -16.65 -27.65 32.22
C ARG C 279 -15.96 -26.29 32.13
N ILE C 280 -15.39 -25.87 33.24
CA ILE C 280 -14.80 -24.56 33.34
C ILE C 280 -13.58 -24.47 32.42
N SER C 281 -13.20 -23.25 32.04
CA SER C 281 -11.92 -23.03 31.37
C SER C 281 -10.92 -22.55 32.42
N ALA C 282 -9.63 -22.77 32.15
CA ALA C 282 -8.57 -22.35 33.05
C ALA C 282 -8.52 -20.83 33.30
N LYS C 283 -8.83 -20.04 32.28
CA LYS C 283 -8.88 -18.60 32.42
C LYS C 283 -9.91 -18.24 33.50
N ALA C 284 -11.11 -18.79 33.35
CA ALA C 284 -12.19 -18.55 34.29
C ALA C 284 -11.87 -19.02 35.71
N ALA C 285 -11.38 -20.25 35.84
CA ALA C 285 -11.02 -20.82 37.15
C ALA C 285 -10.04 -19.94 37.93
N LEU C 286 -9.32 -19.07 37.22
CA LEU C 286 -8.45 -18.08 37.86
C LEU C 286 -9.24 -17.03 38.62
N ALA C 287 -10.41 -16.69 38.09
CA ALA C 287 -11.37 -15.77 38.73
C ALA C 287 -12.36 -16.56 39.58
N HIS C 288 -11.84 -17.48 40.38
CA HIS C 288 -12.69 -18.21 41.30
C HIS C 288 -12.41 -17.73 42.72
N PRO C 289 -13.50 -17.41 43.45
CA PRO C 289 -13.50 -16.99 44.84
C PRO C 289 -12.52 -17.80 45.67
N PHE C 290 -12.29 -19.05 45.25
CA PHE C 290 -11.43 -19.97 46.00
C PHE C 290 -10.05 -19.39 46.20
N PHE C 291 -9.62 -18.56 45.26
CA PHE C 291 -8.24 -18.12 45.23
C PHE C 291 -8.03 -16.74 45.85
N GLN C 292 -9.10 -16.06 46.23
CA GLN C 292 -9.00 -14.65 46.65
C GLN C 292 -7.97 -14.43 47.76
N ASP C 293 -7.85 -15.41 48.67
CA ASP C 293 -6.87 -15.35 49.77
C ASP C 293 -5.53 -16.07 49.46
N VAL C 294 -5.33 -16.49 48.20
CA VAL C 294 -4.14 -17.27 47.83
C VAL C 294 -2.83 -16.61 48.24
N THR C 295 -1.91 -17.43 48.74
CA THR C 295 -0.56 -17.01 49.10
C THR C 295 0.43 -17.92 48.36
N LYS C 296 1.72 -17.65 48.51
CA LYS C 296 2.72 -18.54 47.94
C LYS C 296 3.61 -19.13 49.03
N PRO C 297 3.12 -20.18 49.70
CA PRO C 297 3.90 -20.80 50.76
C PRO C 297 5.00 -21.67 50.21
N VAL C 298 5.97 -21.88 51.07
CA VAL C 298 7.09 -22.75 50.83
C VAL C 298 6.68 -24.13 51.38
N PRO C 299 6.99 -25.21 50.64
CA PRO C 299 6.81 -26.55 51.18
C PRO C 299 8.06 -27.03 51.88
N HIS C 300 8.02 -28.23 52.45
CA HIS C 300 9.15 -28.78 53.25
C HIS C 300 9.74 -30.08 52.66
N LEU C 301 10.86 -29.92 51.93
CA LEU C 301 11.45 -31.02 51.15
C LEU C 301 12.67 -31.66 51.85
N VAL D 2 -16.94 -24.30 22.99
CA VAL D 2 -16.14 -24.97 21.91
C VAL D 2 -14.77 -24.25 21.65
N PRO D 3 -14.76 -22.98 21.13
CA PRO D 3 -13.53 -22.16 21.16
C PRO D 3 -13.48 -21.18 22.35
N ASP D 4 -12.66 -21.50 23.33
CA ASP D 4 -12.61 -20.80 24.63
C ASP D 4 -11.63 -19.62 24.70
N TYR D 5 -10.50 -19.75 24.01
CA TYR D 5 -9.48 -18.71 23.96
C TYR D 5 -9.40 -18.23 22.52
N HIS D 6 -10.53 -18.34 21.82
CA HIS D 6 -10.67 -18.04 20.40
C HIS D 6 -9.97 -16.73 19.98
N GLU D 7 -10.01 -15.73 20.86
CA GLU D 7 -9.44 -14.40 20.57
C GLU D 7 -8.02 -14.19 21.08
N ASP D 8 -7.71 -14.72 22.27
CA ASP D 8 -6.34 -14.79 22.76
C ASP D 8 -5.43 -15.46 21.70
N ILE D 9 -5.95 -16.51 21.07
CA ILE D 9 -5.22 -17.27 20.06
C ILE D 9 -5.07 -16.52 18.74
N HIS D 10 -6.14 -15.87 18.28
CA HIS D 10 -6.07 -15.08 17.04
C HIS D 10 -4.98 -14.03 17.15
N THR D 11 -5.00 -13.26 18.22
CA THR D 11 -3.99 -12.21 18.38
C THR D 11 -2.59 -12.80 18.20
N TYR D 12 -2.25 -13.81 19.01
CA TYR D 12 -0.97 -14.53 18.97
C TYR D 12 -0.58 -15.09 17.57
N LEU D 13 -1.53 -15.66 16.86
CA LEU D 13 -1.26 -16.11 15.50
C LEU D 13 -0.87 -14.91 14.61
N ARG D 14 -1.51 -13.76 14.86
CA ARG D 14 -1.22 -12.51 14.16
C ARG D 14 0.18 -12.05 14.45
N GLU D 15 0.53 -12.15 15.72
CA GLU D 15 1.86 -11.85 16.20
C GLU D 15 2.90 -12.74 15.55
N MET D 16 2.61 -14.05 15.44
CA MET D 16 3.58 -15.03 14.94
C MET D 16 3.79 -14.99 13.45
N GLU D 17 2.71 -14.76 12.71
CA GLU D 17 2.79 -14.83 11.25
C GLU D 17 3.75 -13.77 10.73
N VAL D 18 3.95 -12.69 11.49
CA VAL D 18 4.99 -11.72 11.14
C VAL D 18 6.38 -12.32 11.37
N LYS D 19 6.56 -12.98 12.53
CA LYS D 19 7.86 -13.53 12.94
C LYS D 19 8.30 -14.79 12.16
N CYS D 20 7.34 -15.54 11.63
CA CYS D 20 7.61 -16.74 10.82
C CYS D 20 7.47 -16.49 9.30
N LYS D 21 7.27 -15.23 8.95
CA LYS D 21 7.25 -14.77 7.55
C LYS D 21 8.63 -14.78 6.87
N PRO D 22 8.82 -15.60 5.81
CA PRO D 22 10.08 -15.64 5.06
C PRO D 22 10.44 -14.36 4.31
N LYS D 23 11.66 -14.31 3.80
CA LYS D 23 12.11 -13.20 2.92
C LYS D 23 11.33 -13.11 1.60
N VAL D 24 10.89 -11.89 1.26
CA VAL D 24 9.99 -11.65 0.15
C VAL D 24 10.73 -11.69 -1.20
N GLY D 25 11.99 -11.31 -1.21
CA GLY D 25 12.69 -11.34 -2.48
C GLY D 25 13.55 -12.56 -2.75
N TYR D 26 13.42 -13.61 -1.91
CA TYR D 26 14.51 -14.60 -1.76
C TYR D 26 15.03 -15.23 -3.03
N MET D 27 14.16 -15.45 -4.04
CA MET D 27 14.61 -16.05 -5.33
C MET D 27 15.61 -15.21 -6.13
N LYS D 28 15.49 -13.87 -6.02
CA LYS D 28 16.50 -12.94 -6.58
C LYS D 28 17.91 -13.30 -6.10
N LYS D 29 17.99 -14.03 -4.98
CA LYS D 29 19.27 -14.34 -4.34
C LYS D 29 19.66 -15.82 -4.38
N GLN D 30 18.82 -16.65 -4.99
CA GLN D 30 19.15 -18.03 -5.31
C GLN D 30 19.68 -18.13 -6.73
N PRO D 31 21.01 -18.35 -6.90
CA PRO D 31 21.66 -18.36 -8.24
C PRO D 31 21.25 -19.47 -9.20
N ASP D 32 20.28 -20.29 -8.84
CA ASP D 32 20.10 -21.55 -9.52
C ASP D 32 18.67 -22.07 -9.43
N ILE D 33 17.83 -21.47 -8.60
CA ILE D 33 16.46 -21.90 -8.52
C ILE D 33 15.52 -20.71 -8.66
N THR D 34 14.39 -20.90 -9.35
CA THR D 34 13.49 -19.80 -9.70
C THR D 34 12.13 -20.00 -9.07
N ASN D 35 11.26 -19.01 -9.19
CA ASN D 35 9.84 -19.18 -8.82
C ASN D 35 9.13 -20.31 -9.60
N SER D 36 9.64 -20.65 -10.79
CA SER D 36 8.98 -21.64 -11.63
C SER D 36 9.27 -23.01 -11.06
N MET D 37 10.55 -23.23 -10.71
CA MET D 37 11.01 -24.48 -10.09
C MET D 37 10.19 -24.70 -8.82
N ARG D 38 10.12 -23.65 -7.99
CA ARG D 38 9.32 -23.62 -6.78
C ARG D 38 7.86 -23.96 -7.02
N ALA D 39 7.31 -23.55 -8.16
CA ALA D 39 5.89 -23.84 -8.50
C ALA D 39 5.67 -25.32 -8.83
N ILE D 40 6.55 -25.87 -9.63
CA ILE D 40 6.55 -27.30 -9.87
C ILE D 40 6.65 -28.10 -8.56
N LEU D 41 7.51 -27.64 -7.65
CA LEU D 41 7.71 -28.37 -6.41
C LEU D 41 6.50 -28.27 -5.49
N VAL D 42 5.97 -27.06 -5.29
CA VAL D 42 4.81 -26.91 -4.41
C VAL D 42 3.61 -27.70 -4.97
N ASP D 43 3.45 -27.66 -6.30
CA ASP D 43 2.38 -28.44 -6.92
C ASP D 43 2.59 -29.93 -6.70
N TRP D 44 3.84 -30.40 -6.82
CA TRP D 44 4.17 -31.80 -6.49
C TRP D 44 3.81 -32.16 -5.04
N LEU D 45 4.11 -31.26 -4.10
CA LEU D 45 3.66 -31.48 -2.72
C LEU D 45 2.15 -31.62 -2.61
N VAL D 46 1.43 -30.92 -3.49
CA VAL D 46 -0.03 -31.02 -3.56
C VAL D 46 -0.45 -32.44 -3.92
N GLU D 47 0.21 -33.03 -4.93
CA GLU D 47 -0.06 -34.43 -5.24
C GLU D 47 0.19 -35.25 -4.00
N VAL D 48 1.41 -35.14 -3.47
CA VAL D 48 1.82 -36.00 -2.37
C VAL D 48 0.79 -35.97 -1.25
N GLY D 49 0.21 -34.81 -1.00
CA GLY D 49 -0.80 -34.66 0.05
C GLY D 49 -2.05 -35.46 -0.22
N GLU D 50 -2.48 -35.44 -1.50
CA GLU D 50 -3.62 -36.24 -1.98
C GLU D 50 -3.34 -37.73 -1.89
N GLU D 51 -2.26 -38.15 -2.53
CA GLU D 51 -1.81 -39.54 -2.49
C GLU D 51 -1.65 -40.14 -1.09
N TYR D 52 -1.55 -39.31 -0.03
CA TYR D 52 -1.43 -39.87 1.32
C TYR D 52 -2.50 -39.42 2.31
N LYS D 53 -3.56 -38.80 1.78
CA LYS D 53 -4.74 -38.41 2.56
C LYS D 53 -4.33 -37.63 3.83
N LEU D 54 -3.40 -36.69 3.63
CA LEU D 54 -2.88 -35.83 4.68
C LEU D 54 -3.74 -34.57 4.73
N GLN D 55 -3.78 -33.92 5.89
CA GLN D 55 -4.51 -32.67 6.06
C GLN D 55 -3.99 -31.60 5.11
N ASN D 56 -4.74 -30.52 4.97
CA ASN D 56 -4.23 -29.43 4.17
C ASN D 56 -3.25 -28.60 4.98
N GLU D 57 -3.50 -28.52 6.30
CA GLU D 57 -2.60 -27.85 7.23
C GLU D 57 -1.14 -28.27 6.99
N THR D 58 -0.92 -29.58 6.91
CA THR D 58 0.39 -30.15 6.55
C THR D 58 0.97 -29.54 5.26
N LEU D 59 0.13 -29.39 4.25
CA LEU D 59 0.61 -28.84 3.00
C LEU D 59 1.08 -27.43 3.25
N HIS D 60 0.26 -26.67 3.96
CA HIS D 60 0.55 -25.26 4.18
C HIS D 60 1.85 -25.11 4.95
N LEU D 61 1.88 -25.72 6.14
CA LEU D 61 3.12 -25.91 6.95
C LEU D 61 4.36 -26.29 6.13
N ALA D 62 4.27 -27.36 5.33
CA ALA D 62 5.45 -27.74 4.55
C ALA D 62 5.98 -26.53 3.81
N VAL D 63 5.08 -25.83 3.12
CA VAL D 63 5.45 -24.76 2.24
C VAL D 63 6.18 -23.62 2.97
N ASN D 64 5.65 -23.24 4.14
CA ASN D 64 6.33 -22.38 5.11
C ASN D 64 7.76 -22.85 5.35
N TYR D 65 7.94 -24.14 5.68
CA TYR D 65 9.31 -24.64 5.92
C TYR D 65 10.18 -24.36 4.74
N ILE D 66 9.67 -24.65 3.55
CA ILE D 66 10.46 -24.53 2.33
C ILE D 66 10.90 -23.10 2.06
N ASP D 67 10.03 -22.14 2.40
CA ASP D 67 10.34 -20.74 2.13
C ASP D 67 11.30 -20.21 3.16
N ARG D 68 10.99 -20.50 4.43
CA ARG D 68 11.86 -20.06 5.51
C ARG D 68 13.25 -20.62 5.31
N PHE D 69 13.33 -21.84 4.82
CA PHE D 69 14.61 -22.49 4.62
C PHE D 69 15.41 -21.89 3.48
N LEU D 70 14.76 -21.75 2.33
CA LEU D 70 15.36 -21.18 1.08
C LEU D 70 15.65 -19.67 1.18
N SER D 71 14.90 -19.01 2.10
CA SER D 71 15.18 -17.63 2.49
C SER D 71 16.47 -17.55 3.24
N SER D 72 17.12 -18.68 3.55
CA SER D 72 18.42 -18.63 4.24
C SER D 72 19.55 -19.52 3.68
N MET D 73 19.23 -20.66 3.12
CA MET D 73 20.30 -21.45 2.52
C MET D 73 20.10 -21.42 1.03
N SER D 74 21.19 -21.53 0.30
CA SER D 74 21.10 -21.49 -1.13
C SER D 74 21.29 -22.90 -1.62
N VAL D 75 20.39 -23.33 -2.51
CA VAL D 75 20.21 -24.75 -2.89
C VAL D 75 20.37 -24.96 -4.41
N LEU D 76 21.12 -25.95 -4.85
CA LEU D 76 21.15 -26.26 -6.28
C LEU D 76 19.87 -27.00 -6.68
N ARG D 77 19.47 -26.89 -7.94
CA ARG D 77 18.13 -27.34 -8.36
C ARG D 77 17.96 -28.87 -8.20
N GLY D 78 19.04 -29.62 -8.46
CA GLY D 78 19.13 -31.03 -8.08
C GLY D 78 18.65 -31.34 -6.67
N LYS D 79 18.69 -30.35 -5.75
CA LYS D 79 18.42 -30.66 -4.33
C LYS D 79 17.17 -30.04 -3.79
N LEU D 80 16.51 -29.29 -4.67
CA LEU D 80 15.25 -28.65 -4.34
C LEU D 80 14.26 -29.68 -3.84
N GLN D 81 13.98 -30.69 -4.65
CA GLN D 81 13.03 -31.69 -4.24
C GLN D 81 13.41 -32.33 -2.88
N LEU D 82 14.71 -32.58 -2.70
CA LEU D 82 15.21 -33.08 -1.41
C LEU D 82 14.86 -32.17 -0.24
N VAL D 83 14.97 -30.85 -0.45
CA VAL D 83 14.43 -29.93 0.56
C VAL D 83 12.93 -30.08 0.74
N GLY D 84 12.21 -30.11 -0.39
CA GLY D 84 10.74 -30.34 -0.35
C GLY D 84 10.30 -31.57 0.42
N THR D 85 10.92 -32.73 0.14
CA THR D 85 10.56 -33.99 0.84
C THR D 85 10.81 -33.97 2.37
N ALA D 86 11.94 -33.37 2.77
CA ALA D 86 12.22 -33.23 4.22
C ALA D 86 11.24 -32.29 4.88
N ALA D 87 10.79 -31.24 4.16
CA ALA D 87 9.76 -30.35 4.71
C ALA D 87 8.46 -31.11 4.97
N MET D 88 8.01 -31.80 3.93
CA MET D 88 6.79 -32.60 4.02
C MET D 88 6.89 -33.56 5.20
N LEU D 89 7.96 -34.37 5.21
CA LEU D 89 8.20 -35.23 6.37
C LEU D 89 8.08 -34.45 7.71
N LEU D 90 8.78 -33.32 7.84
CA LEU D 90 8.68 -32.62 9.11
C LEU D 90 7.26 -32.25 9.44
N ALA D 91 6.57 -31.65 8.48
CA ALA D 91 5.21 -31.18 8.75
C ALA D 91 4.29 -32.32 9.11
N SER D 92 4.45 -33.44 8.39
CA SER D 92 3.69 -34.65 8.72
C SER D 92 3.91 -35.01 10.17
N LYS D 93 5.16 -35.06 10.59
CA LYS D 93 5.47 -35.53 11.96
C LYS D 93 4.88 -34.57 13.01
N PHE D 94 4.80 -33.29 12.66
CA PHE D 94 4.26 -32.28 13.52
C PHE D 94 2.75 -32.41 13.59
N GLU D 95 2.15 -32.54 12.42
CA GLU D 95 0.72 -32.34 12.29
C GLU D 95 -0.15 -33.61 12.26
N GLU D 96 0.36 -34.68 11.63
CA GLU D 96 -0.45 -35.89 11.37
C GLU D 96 -0.49 -36.79 12.59
N ILE D 97 -1.68 -37.26 12.91
CA ILE D 97 -1.86 -38.39 13.82
C ILE D 97 -1.01 -39.56 13.33
N TYR D 98 -1.09 -39.80 12.02
CA TYR D 98 -0.46 -40.96 11.36
C TYR D 98 0.48 -40.55 10.22
N PRO D 99 1.68 -40.06 10.55
CA PRO D 99 2.54 -39.67 9.43
C PRO D 99 3.02 -40.86 8.60
N PRO D 100 3.13 -40.69 7.28
CA PRO D 100 3.82 -41.66 6.47
C PRO D 100 5.24 -41.93 6.99
N GLU D 101 5.77 -43.11 6.70
CA GLU D 101 7.09 -43.47 7.12
C GLU D 101 8.11 -42.90 6.16
N VAL D 102 9.32 -42.71 6.66
CA VAL D 102 10.39 -42.20 5.83
C VAL D 102 10.47 -42.96 4.50
N ALA D 103 10.43 -44.30 4.55
CA ALA D 103 10.50 -45.15 3.34
C ALA D 103 9.51 -44.70 2.27
N GLU D 104 8.30 -44.32 2.71
CA GLU D 104 7.32 -43.77 1.78
C GLU D 104 7.66 -42.37 1.27
N PHE D 105 8.23 -41.51 2.13
CA PHE D 105 8.78 -40.26 1.63
C PHE D 105 9.92 -40.50 0.62
N VAL D 106 10.71 -41.52 0.83
CA VAL D 106 11.72 -41.88 -0.18
C VAL D 106 11.07 -42.38 -1.48
N TYR D 107 10.04 -43.24 -1.36
CA TYR D 107 9.36 -43.76 -2.54
C TYR D 107 8.95 -42.67 -3.53
N ILE D 108 8.11 -41.71 -3.13
CA ILE D 108 7.58 -40.72 -4.09
C ILE D 108 8.56 -39.75 -4.72
N THR D 109 9.80 -39.69 -4.21
CA THR D 109 10.83 -38.89 -4.89
C THR D 109 11.34 -39.67 -6.09
N ASP D 110 10.76 -40.86 -6.28
CA ASP D 110 11.04 -41.77 -7.41
C ASP D 110 12.49 -42.31 -7.45
N ASP D 111 13.00 -42.63 -6.25
CA ASP D 111 14.37 -43.14 -6.02
C ASP D 111 15.50 -42.19 -6.47
N THR D 112 15.20 -40.89 -6.54
CA THR D 112 16.23 -39.87 -6.82
C THR D 112 17.19 -39.74 -5.60
N TYR D 113 16.64 -39.87 -4.40
CA TYR D 113 17.40 -39.69 -3.18
C TYR D 113 17.38 -40.96 -2.35
N THR D 114 18.47 -41.24 -1.65
CA THR D 114 18.51 -42.34 -0.71
C THR D 114 17.90 -41.90 0.62
N LYS D 115 17.33 -42.84 1.37
CA LYS D 115 16.78 -42.55 2.69
C LYS D 115 17.75 -41.80 3.58
N LYS D 116 19.04 -42.01 3.39
CA LYS D 116 20.00 -41.38 4.28
C LYS D 116 20.01 -39.89 3.96
N GLN D 117 19.87 -39.55 2.69
CA GLN D 117 19.86 -38.15 2.27
C GLN D 117 18.66 -37.41 2.85
N VAL D 118 17.50 -38.02 2.78
CA VAL D 118 16.30 -37.42 3.31
C VAL D 118 16.45 -37.16 4.80
N LEU D 119 16.96 -38.15 5.54
CA LEU D 119 16.99 -37.98 6.99
C LEU D 119 18.06 -36.98 7.38
N ARG D 120 19.15 -36.99 6.65
CA ARG D 120 20.19 -36.01 6.89
C ARG D 120 19.76 -34.59 6.48
N MET D 121 18.79 -34.49 5.56
CA MET D 121 18.19 -33.21 5.19
C MET D 121 17.13 -32.82 6.17
N GLU D 122 16.44 -33.80 6.75
CA GLU D 122 15.49 -33.50 7.82
C GLU D 122 16.20 -32.72 8.89
N HIS D 123 17.27 -33.28 9.44
CA HIS D 123 18.07 -32.66 10.50
C HIS D 123 18.66 -31.28 10.10
N LEU D 124 18.93 -31.06 8.82
CA LEU D 124 19.50 -29.79 8.44
C LEU D 124 18.38 -28.76 8.54
N VAL D 125 17.21 -29.11 7.99
CA VAL D 125 16.07 -28.21 8.01
C VAL D 125 15.71 -27.75 9.44
N LEU D 126 15.77 -28.66 10.41
CA LEU D 126 15.46 -28.36 11.82
C LEU D 126 16.48 -27.36 12.43
N LYS D 127 17.76 -27.59 12.15
CA LYS D 127 18.81 -26.69 12.55
C LYS D 127 18.59 -25.31 11.89
N VAL D 128 18.28 -25.33 10.62
CA VAL D 128 18.25 -24.09 9.87
C VAL D 128 17.08 -23.25 10.37
N LEU D 129 16.01 -23.93 10.78
CA LEU D 129 14.80 -23.29 11.29
C LEU D 129 14.80 -23.23 12.83
N THR D 130 15.93 -23.57 13.44
CA THR D 130 16.01 -23.69 14.91
C THR D 130 14.76 -24.30 15.55
N PHE D 131 14.17 -25.29 14.87
CA PHE D 131 13.04 -26.03 15.41
C PHE D 131 11.75 -25.23 15.55
N ASP D 132 11.70 -24.04 14.99
CA ASP D 132 10.46 -23.26 15.06
C ASP D 132 9.53 -23.72 13.96
N LEU D 133 8.62 -24.63 14.31
CA LEU D 133 7.84 -25.30 13.27
C LEU D 133 6.35 -24.99 13.35
N ALA D 134 5.90 -24.42 14.47
CA ALA D 134 4.51 -24.07 14.67
C ALA D 134 4.13 -22.73 14.01
N ALA D 135 4.33 -22.64 12.70
CA ALA D 135 3.97 -21.46 11.91
C ALA D 135 2.46 -21.28 11.79
N PRO D 136 1.97 -20.04 11.86
CA PRO D 136 0.58 -19.87 11.45
C PRO D 136 0.48 -19.97 9.94
N THR D 137 -0.64 -20.49 9.46
CA THR D 137 -0.87 -20.73 8.03
C THR D 137 -2.23 -20.20 7.56
N VAL D 138 -2.31 -19.84 6.28
CA VAL D 138 -3.57 -19.46 5.66
C VAL D 138 -4.69 -20.37 6.09
N ASN D 139 -4.37 -21.61 6.38
CA ASN D 139 -5.39 -22.62 6.67
C ASN D 139 -5.96 -22.48 8.09
N GLN D 140 -5.12 -22.05 9.02
CA GLN D 140 -5.54 -21.98 10.42
C GLN D 140 -6.44 -20.81 10.66
N PHE D 141 -6.20 -19.73 9.92
CA PHE D 141 -7.04 -18.53 9.98
C PHE D 141 -8.41 -18.82 9.33
N LEU D 142 -8.40 -19.43 8.14
CA LEU D 142 -9.65 -19.79 7.48
C LEU D 142 -10.56 -20.52 8.46
N THR D 143 -10.07 -21.59 9.07
CA THR D 143 -10.88 -22.36 10.02
C THR D 143 -11.51 -21.48 11.07
N GLN D 144 -10.83 -20.39 11.39
CA GLN D 144 -11.36 -19.41 12.34
C GLN D 144 -12.39 -18.50 11.68
N TYR D 145 -12.10 -18.08 10.45
CA TYR D 145 -13.01 -17.23 9.68
C TYR D 145 -14.33 -17.98 9.47
N PHE D 146 -14.23 -19.29 9.27
CA PHE D 146 -15.42 -20.15 9.02
C PHE D 146 -16.41 -20.21 10.18
N LEU D 147 -15.98 -19.84 11.39
CA LEU D 147 -16.86 -19.78 12.57
C LEU D 147 -17.93 -18.68 12.49
N HIS D 148 -17.66 -17.64 11.69
CA HIS D 148 -18.54 -16.48 11.54
C HIS D 148 -19.36 -16.56 10.26
N GLN D 149 -19.95 -17.73 9.99
CA GLN D 149 -20.75 -17.87 8.78
C GLN D 149 -22.25 -17.65 9.01
N GLN D 150 -22.99 -17.57 7.90
CA GLN D 150 -24.34 -16.98 7.84
C GLN D 150 -25.59 -17.74 8.35
N PRO D 151 -25.46 -18.85 9.13
CA PRO D 151 -24.40 -19.74 9.60
C PRO D 151 -23.75 -20.60 8.51
N ALA D 152 -23.16 -21.72 8.93
CA ALA D 152 -22.29 -22.56 8.13
C ALA D 152 -22.88 -23.03 6.81
N ASN D 153 -22.09 -22.88 5.74
CA ASN D 153 -22.39 -23.45 4.44
C ASN D 153 -21.12 -23.96 3.82
N CYS D 154 -20.99 -25.28 3.68
CA CYS D 154 -19.70 -25.91 3.36
C CYS D 154 -19.34 -26.02 1.87
N LYS D 155 -19.96 -25.15 1.07
CA LYS D 155 -19.63 -25.02 -0.33
C LYS D 155 -18.67 -23.85 -0.46
N VAL D 156 -18.91 -22.83 0.38
CA VAL D 156 -18.03 -21.68 0.51
C VAL D 156 -16.69 -22.15 1.04
N GLU D 157 -16.71 -22.79 2.22
CA GLU D 157 -15.52 -23.36 2.89
C GLU D 157 -14.59 -24.04 1.89
N SER D 158 -15.10 -25.03 1.18
CA SER D 158 -14.33 -25.67 0.12
C SER D 158 -13.70 -24.71 -0.90
N LEU D 159 -14.42 -23.70 -1.38
CA LEU D 159 -13.82 -22.76 -2.33
C LEU D 159 -12.75 -21.86 -1.71
N ALA D 160 -12.89 -21.50 -0.43
CA ALA D 160 -11.84 -20.74 0.27
C ALA D 160 -10.57 -21.57 0.43
N MET D 161 -10.73 -22.86 0.72
CA MET D 161 -9.62 -23.80 0.87
C MET D 161 -8.74 -23.78 -0.37
N PHE D 162 -9.39 -24.12 -1.47
CA PHE D 162 -8.85 -24.00 -2.81
C PHE D 162 -8.15 -22.68 -3.01
N LEU D 163 -8.87 -21.59 -2.85
CA LEU D 163 -8.33 -20.31 -3.22
C LEU D 163 -6.99 -20.07 -2.50
N GLY D 164 -7.02 -20.14 -1.15
CA GLY D 164 -5.83 -20.00 -0.30
C GLY D 164 -4.68 -20.91 -0.68
N GLU D 165 -5.04 -22.11 -1.15
CA GLU D 165 -4.09 -23.11 -1.60
C GLU D 165 -3.43 -22.72 -2.91
N LEU D 166 -4.17 -22.06 -3.80
CA LEU D 166 -3.61 -21.63 -5.09
C LEU D 166 -2.45 -20.66 -4.91
N SER D 167 -2.49 -19.92 -3.78
CA SER D 167 -1.45 -18.94 -3.40
C SER D 167 -0.06 -19.57 -3.22
N LEU D 168 -0.02 -20.75 -2.59
CA LEU D 168 1.25 -21.42 -2.30
C LEU D 168 2.04 -21.64 -3.58
N ILE D 169 1.33 -21.79 -4.69
CA ILE D 169 2.01 -22.09 -5.95
C ILE D 169 2.86 -20.95 -6.48
N ASP D 170 2.44 -19.71 -6.18
CA ASP D 170 3.04 -18.55 -6.82
C ASP D 170 3.73 -17.66 -5.82
N ALA D 171 5.06 -17.73 -5.79
CA ALA D 171 5.82 -16.91 -4.85
C ALA D 171 5.62 -15.44 -5.19
N ASP D 172 5.58 -15.16 -6.49
CA ASP D 172 5.21 -13.85 -7.01
C ASP D 172 3.75 -13.85 -7.45
N PRO D 173 2.86 -13.24 -6.66
CA PRO D 173 3.18 -12.29 -5.61
C PRO D 173 2.87 -12.69 -4.17
N TYR D 174 2.61 -13.96 -3.89
CA TYR D 174 1.96 -14.29 -2.59
C TYR D 174 2.84 -14.20 -1.34
N LEU D 175 4.16 -14.24 -1.53
CA LEU D 175 5.08 -14.03 -0.43
C LEU D 175 5.00 -12.65 0.21
N LYS D 176 4.27 -11.73 -0.41
CA LYS D 176 4.19 -10.35 0.05
C LYS D 176 3.08 -10.18 1.08
N TYR D 177 2.20 -11.16 1.18
CA TYR D 177 1.03 -11.04 2.04
C TYR D 177 1.17 -11.95 3.25
N LEU D 178 0.66 -11.50 4.40
CA LEU D 178 0.48 -12.39 5.55
C LEU D 178 -0.64 -13.40 5.35
N PRO D 179 -0.49 -14.61 5.94
CA PRO D 179 -1.53 -15.64 5.85
C PRO D 179 -2.92 -15.19 6.32
N SER D 180 -3.00 -14.18 7.19
CA SER D 180 -4.29 -13.63 7.64
C SER D 180 -4.90 -12.71 6.59
N VAL D 181 -4.04 -12.14 5.76
CA VAL D 181 -4.49 -11.26 4.70
C VAL D 181 -4.97 -12.15 3.59
N ILE D 182 -4.16 -13.14 3.23
CA ILE D 182 -4.55 -14.08 2.16
C ILE D 182 -5.84 -14.78 2.54
N ALA D 183 -5.94 -15.21 3.80
CA ALA D 183 -7.12 -15.93 4.26
C ALA D 183 -8.37 -15.03 4.15
N GLY D 184 -8.16 -13.73 4.12
CA GLY D 184 -9.25 -12.80 3.89
C GLY D 184 -9.70 -12.84 2.45
N ALA D 185 -8.83 -12.41 1.55
CA ALA D 185 -9.11 -12.38 0.13
C ALA D 185 -9.70 -13.70 -0.34
N ALA D 186 -9.26 -14.80 0.24
CA ALA D 186 -9.75 -16.11 -0.19
C ALA D 186 -11.10 -16.43 0.42
N PHE D 187 -11.38 -15.84 1.59
CA PHE D 187 -12.68 -16.02 2.24
C PHE D 187 -13.77 -15.18 1.56
N HIS D 188 -13.50 -13.88 1.45
CA HIS D 188 -14.35 -12.99 0.66
C HIS D 188 -14.63 -13.59 -0.73
N LEU D 189 -13.56 -13.75 -1.53
CA LEU D 189 -13.69 -14.12 -2.94
C LEU D 189 -14.35 -15.46 -3.15
N ALA D 190 -14.59 -16.19 -2.07
CA ALA D 190 -15.33 -17.45 -2.14
C ALA D 190 -16.80 -17.22 -1.78
N LEU D 191 -17.04 -16.34 -0.80
CA LEU D 191 -18.40 -16.03 -0.31
C LEU D 191 -19.25 -15.36 -1.41
N TYR D 192 -18.65 -14.37 -2.08
CA TYR D 192 -19.22 -13.70 -3.23
C TYR D 192 -19.54 -14.72 -4.34
N THR D 193 -18.59 -15.59 -4.64
CA THR D 193 -18.77 -16.59 -5.69
C THR D 193 -19.93 -17.55 -5.44
N VAL D 194 -20.09 -17.99 -4.19
CA VAL D 194 -21.17 -18.92 -3.85
C VAL D 194 -22.48 -18.15 -3.60
N THR D 195 -22.49 -17.34 -2.54
CA THR D 195 -23.72 -16.75 -2.05
C THR D 195 -23.86 -15.27 -2.38
N GLY D 196 -23.02 -14.75 -3.27
CA GLY D 196 -23.03 -13.31 -3.59
C GLY D 196 -22.76 -12.35 -2.43
N GLN D 197 -22.52 -12.92 -1.24
CA GLN D 197 -22.20 -12.17 -0.03
C GLN D 197 -20.79 -11.57 0.07
N SER D 198 -20.55 -10.79 1.12
CA SER D 198 -19.29 -10.02 1.26
C SER D 198 -18.66 -10.08 2.66
N TRP D 199 -17.33 -9.96 2.69
CA TRP D 199 -16.50 -10.03 3.90
C TRP D 199 -17.21 -9.50 5.14
N PRO D 200 -17.72 -10.42 5.98
CA PRO D 200 -18.69 -10.04 7.02
C PRO D 200 -18.20 -9.08 8.09
N GLU D 201 -19.16 -8.39 8.70
CA GLU D 201 -18.98 -7.45 9.78
C GLU D 201 -18.52 -8.12 11.06
N SER D 202 -18.96 -9.36 11.26
CA SER D 202 -18.46 -10.17 12.38
C SER D 202 -16.94 -10.33 12.26
N LEU D 203 -16.48 -10.52 11.02
CA LEU D 203 -15.06 -10.64 10.72
C LEU D 203 -14.28 -9.32 10.65
N ILE D 204 -14.98 -8.24 10.31
CA ILE D 204 -14.38 -6.89 10.25
C ILE D 204 -13.93 -6.43 11.65
N ARG D 205 -14.70 -6.77 12.68
CA ARG D 205 -14.37 -6.44 14.08
C ARG D 205 -13.20 -7.25 14.64
N LYS D 206 -13.08 -8.50 14.20
CA LYS D 206 -12.11 -9.44 14.75
C LYS D 206 -10.70 -9.19 14.24
N THR D 207 -10.57 -9.14 12.91
CA THR D 207 -9.30 -9.08 12.19
C THR D 207 -8.83 -7.65 12.05
N GLY D 208 -9.78 -6.71 12.05
CA GLY D 208 -9.50 -5.30 11.81
C GLY D 208 -9.15 -5.08 10.36
N TYR D 209 -9.64 -5.96 9.50
CA TYR D 209 -9.42 -5.85 8.06
C TYR D 209 -10.66 -5.33 7.36
N THR D 210 -10.48 -4.29 6.55
CA THR D 210 -11.50 -3.84 5.61
C THR D 210 -11.14 -4.33 4.21
N LEU D 211 -12.11 -4.30 3.30
CA LEU D 211 -11.83 -4.63 1.91
C LEU D 211 -10.91 -3.58 1.29
N GLU D 212 -10.91 -2.39 1.90
CA GLU D 212 -9.95 -1.36 1.56
C GLU D 212 -8.56 -1.89 1.92
N SER D 213 -8.45 -2.58 3.05
CA SER D 213 -7.15 -3.15 3.44
C SER D 213 -6.84 -4.44 2.65
N LEU D 214 -7.82 -5.33 2.56
CA LEU D 214 -7.67 -6.58 1.80
C LEU D 214 -7.54 -6.39 0.27
N LYS D 215 -7.71 -5.16 -0.21
CA LYS D 215 -7.91 -4.92 -1.65
C LYS D 215 -6.77 -5.39 -2.59
N PRO D 216 -5.51 -5.01 -2.29
CA PRO D 216 -4.50 -5.37 -3.32
C PRO D 216 -4.38 -6.88 -3.50
N CYS D 217 -4.70 -7.63 -2.44
CA CYS D 217 -4.59 -9.08 -2.39
C CYS D 217 -5.81 -9.71 -3.03
N LEU D 218 -6.93 -9.00 -3.00
CA LEU D 218 -8.12 -9.49 -3.67
C LEU D 218 -7.95 -9.45 -5.18
N MET D 219 -7.29 -8.40 -5.68
CA MET D 219 -7.04 -8.26 -7.12
C MET D 219 -6.20 -9.43 -7.62
N ASP D 220 -5.12 -9.72 -6.91
CA ASP D 220 -4.21 -10.79 -7.28
C ASP D 220 -4.86 -12.17 -7.29
N LEU D 221 -5.67 -12.44 -6.26
CA LEU D 221 -6.33 -13.74 -6.11
C LEU D 221 -7.42 -13.94 -7.17
N HIS D 222 -8.22 -12.90 -7.36
CA HIS D 222 -9.16 -12.79 -8.48
C HIS D 222 -8.44 -13.05 -9.79
N GLN D 223 -7.49 -12.19 -10.12
CA GLN D 223 -6.69 -12.35 -11.32
C GLN D 223 -6.20 -13.81 -11.45
N THR D 224 -5.70 -14.37 -10.34
CA THR D 224 -5.14 -15.73 -10.27
C THR D 224 -6.17 -16.86 -10.42
N TYR D 225 -7.35 -16.66 -9.83
CA TYR D 225 -8.50 -17.55 -9.94
C TYR D 225 -8.95 -17.59 -11.40
N LEU D 226 -9.03 -16.39 -11.99
CA LEU D 226 -9.50 -16.25 -13.33
C LEU D 226 -8.61 -17.05 -14.25
N LYS D 227 -7.30 -17.01 -14.01
CA LYS D 227 -6.39 -17.73 -14.89
C LYS D 227 -6.06 -19.17 -14.49
N ALA D 228 -6.38 -19.52 -13.24
CA ALA D 228 -6.21 -20.88 -12.73
C ALA D 228 -6.47 -21.93 -13.83
N PRO D 229 -7.65 -21.86 -14.49
CA PRO D 229 -7.89 -22.63 -15.72
C PRO D 229 -6.65 -23.07 -16.52
N GLN D 230 -5.79 -22.16 -16.97
CA GLN D 230 -4.60 -22.59 -17.76
C GLN D 230 -3.23 -22.35 -17.12
N HIS D 231 -3.17 -22.57 -15.80
CA HIS D 231 -1.92 -22.56 -15.04
C HIS D 231 -1.03 -23.76 -15.39
N ALA D 232 0.26 -23.48 -15.49
CA ALA D 232 1.28 -24.51 -15.66
C ALA D 232 1.12 -25.63 -14.64
N GLN D 233 0.37 -25.34 -13.57
CA GLN D 233 0.22 -26.27 -12.48
C GLN D 233 -1.23 -26.53 -12.12
N GLN D 234 -1.56 -27.81 -12.12
CA GLN D 234 -2.92 -28.27 -12.29
C GLN D 234 -3.47 -29.22 -11.22
N SER D 235 -2.66 -29.51 -10.20
CA SER D 235 -3.04 -30.46 -9.16
C SER D 235 -4.07 -29.91 -8.17
N ILE D 236 -4.10 -28.59 -7.99
CA ILE D 236 -5.08 -28.01 -7.06
C ILE D 236 -6.50 -27.98 -7.66
N ARG D 237 -6.60 -27.81 -8.98
CA ARG D 237 -7.84 -28.09 -9.70
C ARG D 237 -8.22 -29.56 -9.51
N GLU D 238 -7.34 -30.47 -9.92
CA GLU D 238 -7.61 -31.92 -9.82
C GLU D 238 -8.05 -32.33 -8.42
N LYS D 239 -7.47 -31.70 -7.40
CA LYS D 239 -7.75 -32.02 -6.02
C LYS D 239 -9.17 -31.61 -5.71
N TYR D 240 -9.57 -30.49 -6.31
CA TYR D 240 -10.80 -29.82 -5.92
C TYR D 240 -12.00 -30.02 -6.88
N LYS D 241 -11.87 -30.99 -7.80
CA LYS D 241 -12.98 -31.51 -8.61
C LYS D 241 -13.67 -32.63 -7.85
N ASN D 242 -12.86 -33.45 -7.17
CA ASN D 242 -13.30 -34.50 -6.24
C ASN D 242 -14.48 -34.10 -5.31
N SER D 243 -15.33 -35.08 -5.02
CA SER D 243 -16.55 -34.90 -4.23
C SER D 243 -16.32 -34.59 -2.74
N LYS D 244 -15.13 -34.90 -2.22
CA LYS D 244 -14.79 -34.56 -0.83
C LYS D 244 -14.77 -33.04 -0.64
N TYR D 245 -14.47 -32.32 -1.72
CA TYR D 245 -14.55 -30.86 -1.71
C TYR D 245 -15.67 -30.33 -2.62
N HIS D 246 -16.69 -31.17 -2.90
CA HIS D 246 -17.95 -30.75 -3.56
C HIS D 246 -17.88 -30.39 -5.06
N GLY D 247 -16.69 -30.13 -5.58
CA GLY D 247 -16.50 -29.83 -7.02
C GLY D 247 -16.15 -28.39 -7.37
N VAL D 248 -15.70 -27.64 -6.37
CA VAL D 248 -15.56 -26.17 -6.44
C VAL D 248 -14.56 -25.58 -7.46
N SER D 249 -13.61 -26.39 -7.93
CA SER D 249 -12.67 -25.93 -8.93
C SER D 249 -13.31 -25.85 -10.34
N LEU D 250 -14.53 -26.40 -10.47
CA LEU D 250 -15.29 -26.36 -11.73
C LEU D 250 -16.09 -25.07 -11.87
N LEU D 251 -16.53 -24.51 -10.74
CA LEU D 251 -17.25 -23.25 -10.72
C LEU D 251 -16.54 -22.19 -11.55
N ASN D 252 -17.31 -21.48 -12.38
CA ASN D 252 -16.78 -20.37 -13.15
C ASN D 252 -16.75 -19.10 -12.32
N PRO D 253 -15.58 -18.46 -12.17
CA PRO D 253 -15.37 -17.39 -11.21
C PRO D 253 -16.17 -16.11 -11.53
N PRO D 254 -16.40 -15.27 -10.50
CA PRO D 254 -16.90 -13.91 -10.72
C PRO D 254 -15.90 -13.15 -11.56
N GLU D 255 -16.39 -12.27 -12.43
CA GLU D 255 -15.52 -11.60 -13.39
C GLU D 255 -15.29 -10.12 -13.08
N THR D 256 -16.15 -9.57 -12.23
CA THR D 256 -15.87 -8.31 -11.54
C THR D 256 -16.08 -8.53 -10.06
N LEU D 257 -15.37 -7.75 -9.26
CA LEU D 257 -15.58 -7.76 -7.83
C LEU D 257 -16.77 -6.90 -7.47
N ASN D 258 -16.85 -5.74 -8.12
CA ASN D 258 -17.66 -4.60 -7.70
C ASN D 258 -17.20 -4.05 -6.34
N LEU D 259 -16.57 -2.87 -6.39
CA LEU D 259 -15.70 -2.39 -5.32
C LEU D 259 -16.25 -1.18 -4.56
N ARG E 1 3.43 32.77 -46.02
CA ARG E 1 2.56 33.26 -47.11
C ARG E 1 1.85 34.56 -46.69
N LYS E 2 1.90 35.60 -47.55
CA LYS E 2 1.11 36.81 -47.34
C LYS E 2 -0.33 36.43 -47.56
N LEU E 3 -1.20 36.78 -46.61
CA LEU E 3 -2.59 36.32 -46.67
C LEU E 3 -3.58 37.10 -47.54
N PHE E 4 -3.74 38.40 -47.34
CA PHE E 4 -4.85 39.00 -48.05
C PHE E 4 -4.44 39.76 -49.33
N ASP E 5 -4.05 38.95 -50.33
CA ASP E 5 -3.75 39.37 -51.70
C ASP E 5 -4.82 38.78 -52.62
#